data_6V6Q
#
_entry.id   6V6Q
#
_cell.length_a   63.970
_cell.length_b   86.541
_cell.length_c   254.162
_cell.angle_alpha   90.000
_cell.angle_beta   90.000
_cell.angle_gamma   90.000
#
_symmetry.space_group_name_H-M   'P 21 21 21'
#
loop_
_entity.id
_entity.type
_entity.pdbx_description
1 polymer 'Fibroblast growth factor receptor 2'
2 non-polymer 'PHOSPHOMETHYLPHOSPHONIC ACID ADENYLATE ESTER'
3 non-polymer 'MAGNESIUM ION'
4 water water
#
_entity_poly.entity_id   1
_entity_poly.type   'polypeptide(L)'
_entity_poly.pdbx_seq_one_letter_code
;GSPAVHKLTKRIPLRRQVTVSAESSSSMNSNTPLVRITTRLSSTADTPMLAGVSEFELPEDPKWEFPRDKLTLGKPLGEG
CFGQVVMAEAVGIDKDKPKEAVTVAVKMLKDDATEKDLSDLVSEMEMMKMIGKHKNIINLLGACTQDGPLFVIVEFASKG
NLREFLRARRPPGMEFSFDINRVPEEQMTFKDLVSCTFQLARGMEFLASQKCIHRDLAARNVLVTENNVMKIADFGLARD
INNID(PTR)FKKTTNGRLPVKWMAPEALFDRVYTHQSDVWSFGVLMWEIFTLGGSPYPGIPVEELFKLLKEGHRMDKPA
NCTNELFMMMRDCWHAVPSQRPTFKQLVEDLDRILTLTTNEEYLDLSQPLEQYSPSYPDTRSSCSSGDDSVFSPDPMPYE
PCLPQYPHINGSVKT
;
_entity_poly.pdbx_strand_id   A,B,C,D
#
# COMPACT_ATOMS: atom_id res chain seq x y z
N PHE A 56 -0.46 11.19 -26.38
CA PHE A 56 0.25 12.11 -25.44
C PHE A 56 1.62 11.53 -25.09
N GLU A 57 2.61 12.42 -24.95
CA GLU A 57 4.00 12.10 -24.52
C GLU A 57 4.75 13.41 -24.24
N LEU A 58 5.52 13.47 -23.15
CA LEU A 58 6.25 14.69 -22.72
C LEU A 58 7.68 14.66 -23.26
N PRO A 59 8.26 15.81 -23.65
CA PRO A 59 9.69 15.89 -23.96
C PRO A 59 10.48 15.78 -22.65
N GLU A 60 11.70 15.25 -22.72
CA GLU A 60 12.61 15.10 -21.56
C GLU A 60 13.43 16.39 -21.44
N ASP A 61 13.45 16.97 -20.24
CA ASP A 61 14.24 18.15 -19.84
C ASP A 61 15.32 17.59 -18.92
N PRO A 62 16.51 17.23 -19.45
CA PRO A 62 17.47 16.41 -18.71
C PRO A 62 17.85 17.00 -17.34
N LYS A 63 17.90 18.33 -17.22
CA LYS A 63 18.34 19.00 -15.98
C LYS A 63 17.32 18.80 -14.85
N TRP A 64 16.05 18.51 -15.16
CA TRP A 64 14.98 18.34 -14.15
C TRP A 64 14.61 16.86 -13.97
N GLU A 65 15.01 15.98 -14.90
CA GLU A 65 14.60 14.57 -14.89
C GLU A 65 15.25 13.88 -13.69
N PHE A 66 14.48 13.13 -12.91
CA PHE A 66 14.94 12.29 -11.78
C PHE A 66 14.62 10.84 -12.10
N PRO A 67 15.55 9.89 -11.87
CA PRO A 67 15.27 8.48 -12.19
C PRO A 67 14.28 7.86 -11.19
N ARG A 68 13.32 7.08 -11.68
CA ARG A 68 12.21 6.49 -10.87
C ARG A 68 12.76 5.55 -9.78
N ASP A 69 13.88 4.88 -10.04
CA ASP A 69 14.46 3.84 -9.15
C ASP A 69 15.13 4.49 -7.94
N LYS A 70 15.36 5.80 -7.97
CA LYS A 70 15.93 6.58 -6.82
C LYS A 70 14.80 7.17 -5.97
N LEU A 71 13.54 6.99 -6.39
CA LEU A 71 12.35 7.59 -5.71
C LEU A 71 11.53 6.45 -5.08
N THR A 72 11.37 6.48 -3.76
CA THR A 72 10.57 5.49 -3.00
C THR A 72 9.30 6.18 -2.50
N LEU A 73 8.16 5.91 -3.16
CA LEU A 73 6.85 6.51 -2.79
C LEU A 73 6.47 5.96 -1.42
N GLY A 74 5.94 6.83 -0.55
CA GLY A 74 5.51 6.49 0.81
C GLY A 74 4.06 6.89 1.03
N LYS A 75 3.81 7.49 2.18
CA LYS A 75 2.44 7.74 2.71
C LYS A 75 1.77 8.80 1.86
N PRO A 76 0.49 8.61 1.49
CA PRO A 76 -0.26 9.66 0.79
C PRO A 76 -0.52 10.81 1.78
N LEU A 77 -0.45 12.05 1.30
CA LEU A 77 -0.58 13.27 2.16
C LEU A 77 -2.00 13.83 2.04
N GLY A 78 -2.92 13.07 1.47
CA GLY A 78 -4.31 13.48 1.23
C GLY A 78 -4.63 13.36 -0.26
N GLU A 79 -5.76 12.72 -0.57
CA GLU A 79 -6.32 12.60 -1.94
C GLU A 79 -6.90 13.97 -2.31
N GLY A 80 -6.38 14.57 -3.38
CA GLY A 80 -6.84 15.87 -3.90
C GLY A 80 -8.04 15.70 -4.81
N CYS A 81 -8.39 16.77 -5.52
CA CYS A 81 -9.54 16.83 -6.45
C CYS A 81 -9.07 16.54 -7.88
N PHE A 82 -7.89 17.06 -8.23
CA PHE A 82 -7.30 17.03 -9.59
C PHE A 82 -6.00 16.22 -9.59
N GLY A 83 -5.64 15.66 -8.43
CA GLY A 83 -4.42 14.85 -8.26
C GLY A 83 -4.24 14.33 -6.84
N GLN A 84 -3.12 13.65 -6.63
CA GLN A 84 -2.71 12.98 -5.36
C GLN A 84 -1.30 13.49 -5.01
N VAL A 85 -1.04 13.76 -3.75
CA VAL A 85 0.33 14.09 -3.26
C VAL A 85 0.76 12.97 -2.31
N VAL A 86 1.98 12.49 -2.49
CA VAL A 86 2.55 11.40 -1.65
C VAL A 86 3.92 11.84 -1.15
N MET A 87 4.19 11.59 0.13
CA MET A 87 5.56 11.58 0.72
C MET A 87 6.40 10.57 -0.06
N ALA A 88 7.67 10.88 -0.27
CA ALA A 88 8.65 9.96 -0.91
C ALA A 88 10.05 10.22 -0.35
N GLU A 89 10.95 9.25 -0.54
CA GLU A 89 12.40 9.39 -0.27
C GLU A 89 13.09 9.45 -1.63
N ALA A 90 13.79 10.54 -1.91
CA ALA A 90 14.62 10.75 -3.13
C ALA A 90 16.09 10.75 -2.73
N VAL A 91 16.90 9.82 -3.26
CA VAL A 91 18.33 9.72 -2.82
C VAL A 91 19.22 10.71 -3.57
N GLY A 92 19.21 10.77 -4.90
CA GLY A 92 20.21 11.58 -5.62
C GLY A 92 19.78 13.04 -5.80
N ILE A 93 18.66 13.46 -5.21
CA ILE A 93 17.86 14.60 -5.72
C ILE A 93 18.73 15.86 -5.66
N ASP A 94 19.48 16.03 -4.57
CA ASP A 94 20.50 17.08 -4.43
C ASP A 94 21.77 16.58 -5.12
N LYS A 95 22.10 17.13 -6.30
CA LYS A 95 23.24 16.68 -7.16
C LYS A 95 24.57 16.79 -6.40
N ASP A 96 24.73 17.84 -5.60
CA ASP A 96 25.90 18.06 -4.70
C ASP A 96 26.06 16.87 -3.76
N LYS A 97 24.94 16.31 -3.27
CA LYS A 97 24.90 15.24 -2.23
C LYS A 97 24.23 13.99 -2.79
N PRO A 98 24.88 13.26 -3.72
CA PRO A 98 24.31 12.03 -4.28
C PRO A 98 23.88 10.95 -3.28
N LYS A 99 24.59 10.73 -2.16
CA LYS A 99 24.34 9.59 -1.25
C LYS A 99 23.13 9.87 -0.33
N GLU A 100 22.57 11.07 -0.39
CA GLU A 100 21.74 11.68 0.70
C GLU A 100 20.25 11.58 0.33
N ALA A 101 19.48 10.85 1.15
CA ALA A 101 18.03 10.62 1.00
C ALA A 101 17.25 11.83 1.52
N VAL A 102 16.61 12.59 0.63
CA VAL A 102 15.77 13.78 0.99
C VAL A 102 14.31 13.33 1.00
N THR A 103 13.56 13.65 2.07
CA THR A 103 12.09 13.49 2.14
C THR A 103 11.46 14.55 1.24
N VAL A 104 10.61 14.15 0.30
CA VAL A 104 10.03 15.05 -0.73
C VAL A 104 8.53 14.79 -0.82
N ALA A 105 7.80 15.67 -1.51
CA ALA A 105 6.39 15.48 -1.88
C ALA A 105 6.34 15.24 -3.39
N VAL A 106 5.48 14.31 -3.84
CA VAL A 106 5.32 13.95 -5.28
C VAL A 106 3.85 14.19 -5.65
N LYS A 107 3.61 15.13 -6.56
CA LYS A 107 2.27 15.39 -7.15
C LYS A 107 2.14 14.50 -8.36
N MET A 108 1.02 13.79 -8.48
CA MET A 108 0.74 12.85 -9.59
C MET A 108 -0.77 12.83 -9.87
N LEU A 109 -1.17 12.21 -10.98
CA LEU A 109 -2.58 12.09 -11.35
C LEU A 109 -3.21 10.97 -10.53
N LYS A 110 -4.53 11.04 -10.35
CA LYS A 110 -5.35 9.93 -9.81
C LYS A 110 -5.86 9.07 -10.97
N ASP A 111 -6.49 7.96 -10.64
CA ASP A 111 -7.01 6.96 -11.60
C ASP A 111 -8.15 7.56 -12.42
N ASP A 112 -8.90 8.50 -11.85
CA ASP A 112 -10.10 9.12 -12.50
C ASP A 112 -9.70 10.48 -13.09
N ALA A 113 -8.42 10.67 -13.37
CA ALA A 113 -7.86 11.95 -13.89
C ALA A 113 -8.49 12.30 -15.24
N THR A 114 -8.75 13.60 -15.42
CA THR A 114 -9.26 14.21 -16.68
C THR A 114 -8.07 14.67 -17.53
N GLU A 115 -8.31 14.91 -18.81
CA GLU A 115 -7.32 15.53 -19.73
C GLU A 115 -6.81 16.84 -19.12
N LYS A 116 -7.70 17.70 -18.63
CA LYS A 116 -7.33 19.00 -18.00
C LYS A 116 -6.44 18.76 -16.79
N ASP A 117 -6.65 17.68 -16.01
CA ASP A 117 -5.83 17.36 -14.81
C ASP A 117 -4.38 17.14 -15.27
N LEU A 118 -4.17 16.45 -16.38
CA LEU A 118 -2.81 16.18 -16.93
C LEU A 118 -2.17 17.50 -17.44
N SER A 119 -2.88 18.28 -18.26
CA SER A 119 -2.52 19.65 -18.71
C SER A 119 -2.04 20.48 -17.52
N ASP A 120 -2.88 20.61 -16.49
CA ASP A 120 -2.63 21.46 -15.31
C ASP A 120 -1.39 20.96 -14.57
N LEU A 121 -1.17 19.65 -14.47
CA LEU A 121 0.01 19.12 -13.76
C LEU A 121 1.27 19.44 -14.57
N VAL A 122 1.22 19.32 -15.89
CA VAL A 122 2.37 19.68 -16.77
C VAL A 122 2.63 21.19 -16.62
N SER A 123 1.59 22.02 -16.72
CA SER A 123 1.71 23.50 -16.63
C SER A 123 2.36 23.87 -15.30
N GLU A 124 1.93 23.20 -14.22
CA GLU A 124 2.41 23.47 -12.84
C GLU A 124 3.90 23.18 -12.81
N MET A 125 4.33 22.04 -13.38
CA MET A 125 5.76 21.67 -13.46
C MET A 125 6.52 22.77 -14.22
N GLU A 126 6.04 23.18 -15.41
CA GLU A 126 6.73 24.20 -16.25
C GLU A 126 6.78 25.54 -15.51
N MET A 127 5.70 25.95 -14.86
CA MET A 127 5.64 27.23 -14.11
C MET A 127 6.72 27.22 -13.02
N MET A 128 6.86 26.10 -12.31
CA MET A 128 7.81 25.96 -11.18
C MET A 128 9.24 25.97 -11.72
N LYS A 129 9.50 25.49 -12.95
CA LYS A 129 10.84 25.59 -13.59
C LYS A 129 11.23 27.07 -13.72
N MET A 130 10.30 27.94 -14.15
CA MET A 130 10.57 29.39 -14.41
C MET A 130 10.91 30.11 -13.10
N ILE A 131 10.32 29.73 -11.98
CA ILE A 131 10.48 30.40 -10.66
C ILE A 131 11.80 29.97 -10.02
N GLY A 132 12.69 30.90 -9.69
CA GLY A 132 13.95 30.61 -8.99
C GLY A 132 13.70 30.02 -7.61
N LYS A 133 14.76 29.59 -6.93
CA LYS A 133 14.73 29.15 -5.51
C LYS A 133 14.36 30.34 -4.61
N HIS A 134 13.52 30.10 -3.61
CA HIS A 134 13.22 31.08 -2.53
C HIS A 134 12.73 30.32 -1.29
N LYS A 135 13.14 30.82 -0.12
CA LYS A 135 12.85 30.22 1.22
C LYS A 135 11.33 30.11 1.47
N ASN A 136 10.54 31.01 0.87
CA ASN A 136 9.08 31.17 1.17
C ASN A 136 8.24 30.71 -0.03
N ILE A 137 8.81 29.88 -0.90
CA ILE A 137 8.17 29.23 -2.08
C ILE A 137 8.46 27.73 -1.93
N ILE A 138 7.45 26.87 -2.14
CA ILE A 138 7.67 25.44 -2.47
C ILE A 138 8.39 25.40 -3.82
N ASN A 139 9.59 24.83 -3.86
CA ASN A 139 10.43 24.81 -5.08
C ASN A 139 10.34 23.42 -5.73
N LEU A 140 10.37 23.39 -7.05
CA LEU A 140 10.53 22.16 -7.86
C LEU A 140 11.90 21.57 -7.55
N LEU A 141 11.98 20.28 -7.22
CA LEU A 141 13.24 19.52 -7.00
C LEU A 141 13.54 18.64 -8.21
N GLY A 142 12.52 18.18 -8.94
CA GLY A 142 12.68 17.25 -10.07
C GLY A 142 11.35 16.74 -10.59
N ALA A 143 11.42 15.90 -11.63
CA ALA A 143 10.27 15.30 -12.32
C ALA A 143 10.64 13.93 -12.91
N CYS A 144 9.73 12.97 -12.84
CA CYS A 144 9.75 11.73 -13.64
C CYS A 144 8.69 11.86 -14.73
N THR A 145 9.11 11.97 -16.00
CA THR A 145 8.23 12.35 -17.14
C THR A 145 8.25 11.29 -18.24
N GLN A 146 9.05 10.23 -18.09
CA GLN A 146 9.34 9.25 -19.18
C GLN A 146 8.89 7.85 -18.78
N ASP A 147 8.34 7.10 -19.73
CA ASP A 147 8.01 5.65 -19.61
C ASP A 147 7.26 5.40 -18.28
N GLY A 148 6.24 6.20 -17.98
CA GLY A 148 5.45 6.06 -16.74
C GLY A 148 4.62 7.29 -16.43
N PRO A 149 3.88 7.26 -15.30
CA PRO A 149 3.05 8.40 -14.90
C PRO A 149 3.93 9.62 -14.60
N LEU A 150 3.40 10.83 -14.80
CA LEU A 150 4.09 12.09 -14.48
C LEU A 150 4.18 12.24 -12.96
N PHE A 151 5.40 12.32 -12.44
CA PHE A 151 5.72 12.68 -11.04
C PHE A 151 6.35 14.07 -11.01
N VAL A 152 5.72 14.99 -10.28
CA VAL A 152 6.28 16.36 -10.05
C VAL A 152 6.78 16.40 -8.60
N ILE A 153 8.10 16.46 -8.42
CA ILE A 153 8.76 16.29 -7.10
C ILE A 153 9.03 17.69 -6.51
N VAL A 154 8.51 17.97 -5.32
CA VAL A 154 8.56 19.31 -4.67
C VAL A 154 9.03 19.16 -3.20
N GLU A 155 9.40 20.27 -2.57
CA GLU A 155 9.81 20.33 -1.14
C GLU A 155 8.67 19.81 -0.25
N PHE A 156 8.96 18.88 0.64
CA PHE A 156 8.04 18.41 1.72
C PHE A 156 7.92 19.55 2.75
N ALA A 157 6.70 19.89 3.14
CA ALA A 157 6.40 20.73 4.31
C ALA A 157 5.62 19.89 5.34
N SER A 158 6.29 19.46 6.40
CA SER A 158 5.80 18.47 7.38
C SER A 158 4.49 18.90 8.07
N LYS A 159 4.21 20.20 8.23
CA LYS A 159 3.08 20.67 9.09
C LYS A 159 1.85 21.04 8.24
N GLY A 160 1.88 20.78 6.93
CA GLY A 160 0.72 20.93 6.04
C GLY A 160 0.27 22.37 5.84
N ASN A 161 -0.96 22.58 5.39
CA ASN A 161 -1.41 23.91 4.94
C ASN A 161 -1.69 24.81 6.14
N LEU A 162 -1.59 26.12 5.89
CA LEU A 162 -1.64 27.20 6.91
C LEU A 162 -3.04 27.30 7.50
N ARG A 163 -4.09 27.09 6.70
CA ARG A 163 -5.48 27.11 7.18
C ARG A 163 -5.59 26.13 8.35
N GLU A 164 -5.21 24.87 8.16
CA GLU A 164 -5.38 23.81 9.19
C GLU A 164 -4.45 24.10 10.36
N PHE A 165 -3.25 24.57 10.08
CA PHE A 165 -2.19 24.90 11.08
C PHE A 165 -2.74 25.95 12.06
N LEU A 166 -3.27 27.06 11.52
CA LEU A 166 -3.86 28.14 12.34
C LEU A 166 -5.06 27.59 13.11
N ARG A 167 -5.97 26.87 12.45
CA ARG A 167 -7.22 26.39 13.08
C ARG A 167 -6.85 25.46 14.24
N ALA A 168 -5.82 24.62 14.08
CA ALA A 168 -5.37 23.64 15.10
C ALA A 168 -4.85 24.37 16.35
N ARG A 169 -4.39 25.62 16.23
CA ARG A 169 -3.73 26.40 17.31
C ARG A 169 -4.68 27.49 17.83
N ARG A 170 -5.97 27.39 17.52
CA ARG A 170 -7.00 28.34 18.04
C ARG A 170 -7.18 28.14 19.54
N PRO A 171 -7.39 29.22 20.31
CA PRO A 171 -7.83 29.08 21.70
C PRO A 171 -9.20 28.40 21.77
N PRO A 172 -9.56 27.79 22.92
CA PRO A 172 -10.75 26.93 22.99
C PRO A 172 -12.06 27.73 23.02
N GLN A 187 -1.53 29.29 21.06
CA GLN A 187 -0.17 28.78 20.68
C GLN A 187 0.54 29.81 19.79
N MET A 188 -0.17 30.53 18.93
CA MET A 188 0.40 31.63 18.10
C MET A 188 0.33 32.97 18.86
N THR A 189 1.43 33.73 18.93
CA THR A 189 1.47 35.13 19.41
C THR A 189 1.09 36.04 18.25
N PHE A 190 0.78 37.31 18.55
CA PHE A 190 0.55 38.37 17.54
C PHE A 190 1.80 38.48 16.67
N LYS A 191 2.99 38.41 17.28
CA LYS A 191 4.29 38.52 16.56
C LYS A 191 4.40 37.36 15.55
N ASP A 192 3.98 36.17 15.93
CA ASP A 192 4.00 34.96 15.04
C ASP A 192 3.15 35.22 13.79
N LEU A 193 1.96 35.78 13.96
CA LEU A 193 1.00 36.06 12.85
C LEU A 193 1.59 37.12 11.93
N VAL A 194 2.31 38.11 12.49
CA VAL A 194 2.96 39.19 11.70
C VAL A 194 4.15 38.57 10.96
N SER A 195 4.95 37.75 11.64
CA SER A 195 6.08 37.02 11.03
C SER A 195 5.57 36.22 9.83
N CYS A 196 4.46 35.50 10.04
CA CYS A 196 3.77 34.71 8.99
C CYS A 196 3.48 35.61 7.79
N THR A 197 2.84 36.75 8.03
CA THR A 197 2.37 37.68 6.97
C THR A 197 3.59 38.20 6.21
N PHE A 198 4.60 38.65 6.94
CA PHE A 198 5.87 39.20 6.38
C PHE A 198 6.53 38.17 5.47
N GLN A 199 6.70 36.93 5.96
CA GLN A 199 7.33 35.82 5.20
C GLN A 199 6.61 35.65 3.87
N LEU A 200 5.27 35.65 3.91
CA LEU A 200 4.43 35.39 2.72
C LEU A 200 4.52 36.59 1.78
N ALA A 201 4.57 37.82 2.31
CA ALA A 201 4.81 39.05 1.52
C ALA A 201 6.14 38.91 0.75
N ARG A 202 7.17 38.39 1.40
CA ARG A 202 8.51 38.20 0.78
C ARG A 202 8.38 37.16 -0.35
N GLY A 203 7.68 36.06 -0.09
CA GLY A 203 7.40 35.02 -1.10
C GLY A 203 6.77 35.63 -2.35
N MET A 204 5.73 36.45 -2.17
CA MET A 204 4.96 37.04 -3.30
C MET A 204 5.79 38.13 -3.99
N GLU A 205 6.57 38.92 -3.26
CA GLU A 205 7.48 39.91 -3.89
C GLU A 205 8.40 39.17 -4.87
N PHE A 206 8.90 38.02 -4.44
CA PHE A 206 9.83 37.19 -5.24
C PHE A 206 9.10 36.66 -6.49
N LEU A 207 7.89 36.12 -6.31
CA LEU A 207 7.07 35.57 -7.42
C LEU A 207 6.78 36.65 -8.46
N ALA A 208 6.30 37.81 -8.00
CA ALA A 208 5.97 38.96 -8.89
C ALA A 208 7.20 39.24 -9.74
N SER A 209 8.39 39.27 -9.11
CA SER A 209 9.68 39.58 -9.77
C SER A 209 10.05 38.50 -10.79
N GLN A 210 9.55 37.27 -10.62
CA GLN A 210 9.76 36.14 -11.56
C GLN A 210 8.64 36.11 -12.62
N LYS A 211 7.86 37.18 -12.74
CA LYS A 211 6.79 37.33 -13.76
C LYS A 211 5.69 36.27 -13.53
N CYS A 212 5.51 35.82 -12.28
CA CYS A 212 4.49 34.80 -11.91
C CYS A 212 3.29 35.47 -11.23
N ILE A 213 2.10 35.26 -11.79
CA ILE A 213 0.80 35.57 -11.11
C ILE A 213 0.27 34.24 -10.60
N HIS A 214 0.08 34.12 -9.30
CA HIS A 214 -0.33 32.85 -8.64
C HIS A 214 -1.81 32.58 -8.96
N ARG A 215 -2.66 33.62 -8.82
CA ARG A 215 -4.11 33.61 -9.14
C ARG A 215 -4.92 32.92 -8.04
N ASP A 216 -4.28 32.12 -7.17
CA ASP A 216 -4.99 31.29 -6.17
C ASP A 216 -4.31 31.41 -4.81
N LEU A 217 -3.92 32.62 -4.46
CA LEU A 217 -3.25 32.88 -3.16
C LEU A 217 -4.32 32.76 -2.07
N ALA A 218 -4.09 31.90 -1.08
CA ALA A 218 -5.01 31.64 0.05
C ALA A 218 -4.31 30.75 1.08
N ALA A 219 -4.85 30.72 2.29
CA ALA A 219 -4.22 30.02 3.44
C ALA A 219 -4.08 28.53 3.08
N ARG A 220 -5.04 27.96 2.36
CA ARG A 220 -5.03 26.51 2.00
C ARG A 220 -3.91 26.23 0.98
N ASN A 221 -3.37 27.25 0.30
CA ASN A 221 -2.28 27.10 -0.70
C ASN A 221 -0.95 27.61 -0.11
N VAL A 222 -0.88 27.70 1.22
CA VAL A 222 0.39 28.00 1.94
C VAL A 222 0.72 26.76 2.78
N LEU A 223 1.97 26.30 2.73
CA LEU A 223 2.41 25.11 3.49
C LEU A 223 3.42 25.56 4.55
N VAL A 224 3.43 24.86 5.69
CA VAL A 224 4.27 25.16 6.87
C VAL A 224 5.25 24.01 7.06
N THR A 225 6.55 24.32 7.11
CA THR A 225 7.65 23.32 7.29
C THR A 225 7.77 22.95 8.77
N GLU A 226 8.59 21.95 9.08
CA GLU A 226 8.87 21.52 10.48
C GLU A 226 9.40 22.71 11.28
N ASN A 227 10.00 23.70 10.61
CA ASN A 227 10.65 24.88 11.27
C ASN A 227 9.73 26.11 11.18
N ASN A 228 8.45 25.93 10.86
CA ASN A 228 7.42 27.00 10.84
C ASN A 228 7.77 28.07 9.80
N VAL A 229 8.50 27.68 8.74
CA VAL A 229 8.73 28.53 7.54
C VAL A 229 7.46 28.46 6.70
N MET A 230 6.91 29.62 6.31
CA MET A 230 5.72 29.73 5.41
C MET A 230 6.18 29.56 3.96
N LYS A 231 5.54 28.69 3.21
CA LYS A 231 5.89 28.42 1.79
C LYS A 231 4.63 28.50 0.92
N ILE A 232 4.61 29.44 -0.03
CA ILE A 232 3.55 29.53 -1.07
C ILE A 232 3.66 28.29 -1.95
N ALA A 233 2.52 27.65 -2.23
CA ALA A 233 2.42 26.34 -2.88
C ALA A 233 1.30 26.35 -3.93
N ASP A 234 1.08 25.22 -4.60
CA ASP A 234 -0.03 24.98 -5.55
C ASP A 234 0.06 25.99 -6.71
N PHE A 235 1.05 25.81 -7.59
CA PHE A 235 1.25 26.68 -8.78
C PHE A 235 0.42 26.20 -9.97
N GLY A 236 -0.55 25.29 -9.74
CA GLY A 236 -1.34 24.68 -10.83
C GLY A 236 -2.12 25.71 -11.64
N LEU A 237 -2.53 26.81 -11.02
CA LEU A 237 -3.36 27.85 -11.69
C LEU A 237 -2.51 29.09 -11.99
N ALA A 238 -1.22 29.06 -11.66
CA ALA A 238 -0.31 30.22 -11.87
C ALA A 238 -0.04 30.39 -13.36
N ARG A 239 0.03 31.64 -13.82
CA ARG A 239 0.29 31.99 -15.25
C ARG A 239 1.42 33.01 -15.30
N ASP A 240 2.26 32.89 -16.33
CA ASP A 240 3.22 33.93 -16.78
C ASP A 240 2.42 35.12 -17.33
N ILE A 241 2.70 36.32 -16.86
CA ILE A 241 2.14 37.61 -17.37
C ILE A 241 2.21 37.67 -18.91
N ASN A 242 3.20 37.03 -19.53
CA ASN A 242 3.39 37.03 -21.01
C ASN A 242 2.56 35.93 -21.71
N ASN A 243 1.64 35.26 -21.02
CA ASN A 243 0.84 34.15 -21.61
C ASN A 243 -0.45 34.72 -22.19
N ILE A 244 -0.36 35.54 -23.24
CA ILE A 244 -1.55 36.27 -23.77
C ILE A 244 -2.53 35.27 -24.38
N ASP A 245 -2.06 34.24 -25.10
CA ASP A 245 -2.93 33.21 -25.75
C ASP A 245 -3.85 32.60 -24.69
N PHE A 247 -4.74 33.99 -21.73
CA PHE A 247 -5.64 35.00 -21.17
C PHE A 247 -6.74 35.38 -22.17
N LYS A 248 -6.49 35.27 -23.49
CA LYS A 248 -7.44 35.66 -24.55
C LYS A 248 -8.69 34.77 -24.51
N LYS A 249 -8.56 33.51 -24.10
CA LYS A 249 -9.65 32.50 -24.08
C LYS A 249 -9.67 31.79 -22.72
N THR A 250 -10.50 32.22 -21.77
CA THR A 250 -10.49 31.63 -20.40
C THR A 250 -11.92 31.29 -19.91
N THR A 251 -12.97 31.67 -20.66
CA THR A 251 -14.38 31.23 -20.42
C THR A 251 -14.75 31.47 -18.94
N ASN A 252 -15.10 30.41 -18.18
CA ASN A 252 -15.58 30.50 -16.76
C ASN A 252 -14.46 30.19 -15.76
N GLY A 253 -14.24 31.08 -14.80
CA GLY A 253 -13.13 31.01 -13.84
C GLY A 253 -13.17 29.77 -12.96
N ARG A 254 -12.00 29.18 -12.70
CA ARG A 254 -11.80 28.07 -11.72
C ARG A 254 -11.00 28.56 -10.50
N LEU A 255 -11.21 29.81 -10.11
CA LEU A 255 -10.54 30.46 -8.96
C LEU A 255 -11.59 30.71 -7.90
N PRO A 256 -11.34 30.31 -6.63
CA PRO A 256 -12.31 30.53 -5.55
C PRO A 256 -12.72 32.01 -5.46
N VAL A 257 -14.01 32.29 -5.60
CA VAL A 257 -14.58 33.65 -5.79
C VAL A 257 -14.18 34.55 -4.63
N LYS A 258 -14.17 34.01 -3.40
CA LYS A 258 -14.00 34.80 -2.17
C LYS A 258 -12.57 35.34 -2.05
N TRP A 259 -11.64 34.88 -2.89
CA TRP A 259 -10.24 35.36 -2.90
C TRP A 259 -9.92 36.19 -4.15
N MET A 260 -10.90 36.37 -5.05
CA MET A 260 -10.66 36.98 -6.38
C MET A 260 -10.84 38.50 -6.29
N ALA A 261 -9.88 39.23 -6.86
CA ALA A 261 -9.98 40.69 -7.12
C ALA A 261 -11.22 40.94 -7.97
N PRO A 262 -11.96 42.05 -7.75
CA PRO A 262 -13.14 42.35 -8.57
C PRO A 262 -12.82 42.33 -10.07
N GLU A 263 -11.69 42.92 -10.48
CA GLU A 263 -11.32 43.00 -11.93
C GLU A 263 -11.08 41.58 -12.47
N ALA A 264 -10.56 40.67 -11.64
CA ALA A 264 -10.30 39.27 -12.05
C ALA A 264 -11.64 38.54 -12.22
N LEU A 265 -12.57 38.82 -11.31
CA LEU A 265 -13.91 38.16 -11.21
C LEU A 265 -14.80 38.63 -12.37
N PHE A 266 -14.89 39.94 -12.59
CA PHE A 266 -15.86 40.55 -13.52
C PHE A 266 -15.25 40.63 -14.93
N ASP A 267 -13.97 40.95 -15.06
CA ASP A 267 -13.33 41.37 -16.35
C ASP A 267 -12.25 40.38 -16.79
N ARG A 268 -11.95 39.34 -16.02
CA ARG A 268 -10.87 38.35 -16.33
C ARG A 268 -9.51 39.06 -16.49
N VAL A 269 -9.24 40.10 -15.69
CA VAL A 269 -7.94 40.84 -15.66
C VAL A 269 -7.11 40.32 -14.48
N TYR A 270 -6.01 39.61 -14.77
CA TYR A 270 -5.06 39.04 -13.77
C TYR A 270 -3.71 39.74 -13.88
N THR A 271 -3.24 40.34 -12.78
CA THR A 271 -1.97 41.07 -12.66
C THR A 271 -1.37 40.75 -11.30
N HIS A 272 -0.20 41.28 -10.99
CA HIS A 272 0.38 41.15 -9.62
C HIS A 272 -0.58 41.85 -8.65
N GLN A 273 -1.28 42.89 -9.12
CA GLN A 273 -2.20 43.69 -8.27
C GLN A 273 -3.46 42.87 -7.94
N SER A 274 -3.87 41.92 -8.78
CA SER A 274 -4.98 40.98 -8.44
C SER A 274 -4.48 39.99 -7.38
N ASP A 275 -3.20 39.59 -7.42
CA ASP A 275 -2.56 38.75 -6.37
C ASP A 275 -2.53 39.54 -5.05
N VAL A 276 -2.29 40.85 -5.10
CA VAL A 276 -2.23 41.70 -3.88
C VAL A 276 -3.60 41.68 -3.18
N TRP A 277 -4.69 41.78 -3.95
CA TRP A 277 -6.06 41.66 -3.39
C TRP A 277 -6.13 40.35 -2.60
N SER A 278 -5.77 39.25 -3.26
CA SER A 278 -5.76 37.88 -2.65
C SER A 278 -4.92 37.90 -1.37
N PHE A 279 -3.77 38.56 -1.38
CA PHE A 279 -2.88 38.67 -0.20
C PHE A 279 -3.66 39.28 0.98
N GLY A 280 -4.49 40.29 0.70
CA GLY A 280 -5.35 40.94 1.70
C GLY A 280 -6.29 39.95 2.37
N VAL A 281 -6.87 39.07 1.55
CA VAL A 281 -7.77 38.00 2.06
C VAL A 281 -6.94 37.01 2.88
N LEU A 282 -5.72 36.69 2.41
CA LEU A 282 -4.76 35.82 3.13
C LEU A 282 -4.45 36.43 4.50
N MET A 283 -4.18 37.74 4.55
CA MET A 283 -3.96 38.47 5.83
C MET A 283 -5.17 38.25 6.74
N TRP A 284 -6.37 38.49 6.24
CA TRP A 284 -7.63 38.32 7.01
C TRP A 284 -7.70 36.88 7.53
N GLU A 285 -7.39 35.90 6.69
CA GLU A 285 -7.39 34.46 7.07
C GLU A 285 -6.41 34.25 8.23
N ILE A 286 -5.23 34.86 8.17
CA ILE A 286 -4.15 34.66 9.18
C ILE A 286 -4.62 35.19 10.53
N PHE A 287 -5.16 36.41 10.57
CA PHE A 287 -5.48 37.14 11.83
C PHE A 287 -6.81 36.66 12.43
N THR A 288 -7.60 35.88 11.69
CA THR A 288 -8.78 35.15 12.21
C THR A 288 -8.39 33.72 12.62
N LEU A 289 -7.09 33.38 12.56
CA LEU A 289 -6.58 32.03 12.90
C LEU A 289 -7.28 30.98 12.01
N GLY A 290 -7.35 31.27 10.72
CA GLY A 290 -7.86 30.36 9.67
C GLY A 290 -9.35 30.50 9.47
N GLY A 291 -9.89 31.70 9.64
CA GLY A 291 -11.33 31.95 9.45
C GLY A 291 -11.69 31.87 7.97
N SER A 292 -12.97 31.71 7.70
CA SER A 292 -13.55 31.71 6.33
C SER A 292 -13.94 33.13 5.93
N PRO A 293 -13.46 33.66 4.79
CA PRO A 293 -13.77 35.02 4.38
C PRO A 293 -15.27 35.21 4.09
N TYR A 294 -15.71 36.47 4.16
CA TYR A 294 -17.12 36.91 3.99
C TYR A 294 -18.00 35.94 4.78
N PRO A 295 -17.75 35.82 6.10
CA PRO A 295 -18.47 34.87 6.95
C PRO A 295 -19.98 35.07 6.83
N GLY A 296 -20.72 33.98 6.57
CA GLY A 296 -22.19 33.98 6.47
C GLY A 296 -22.69 34.48 5.12
N ILE A 297 -21.81 34.90 4.23
CA ILE A 297 -22.18 35.40 2.87
C ILE A 297 -21.88 34.32 1.84
N PRO A 298 -22.89 33.68 1.24
CA PRO A 298 -22.65 32.72 0.18
C PRO A 298 -22.08 33.42 -1.06
N VAL A 299 -21.17 32.72 -1.75
CA VAL A 299 -20.55 33.16 -3.03
C VAL A 299 -21.63 33.78 -3.94
N GLU A 300 -22.82 33.17 -3.98
CA GLU A 300 -23.94 33.59 -4.86
C GLU A 300 -24.21 35.10 -4.68
N GLU A 301 -24.09 35.63 -3.47
CA GLU A 301 -24.48 37.03 -3.14
C GLU A 301 -23.25 37.95 -3.09
N LEU A 302 -22.03 37.40 -3.15
CA LEU A 302 -20.79 38.22 -3.07
C LEU A 302 -20.64 39.03 -4.36
N PHE A 303 -20.99 38.46 -5.51
CA PHE A 303 -20.90 39.12 -6.85
C PHE A 303 -21.48 40.55 -6.71
N LYS A 304 -22.74 40.63 -6.30
CA LYS A 304 -23.50 41.90 -6.16
C LYS A 304 -22.85 42.79 -5.09
N LEU A 305 -22.45 42.22 -3.94
CA LEU A 305 -21.90 42.98 -2.80
C LEU A 305 -20.55 43.62 -3.16
N LEU A 306 -19.68 42.93 -3.91
CA LEU A 306 -18.38 43.47 -4.37
C LEU A 306 -18.61 44.68 -5.28
N LYS A 307 -19.57 44.63 -6.21
CA LYS A 307 -19.90 45.75 -7.12
C LYS A 307 -20.34 46.98 -6.31
N GLU A 308 -20.94 46.79 -5.14
CA GLU A 308 -21.39 47.90 -4.25
C GLU A 308 -20.31 48.28 -3.23
N GLY A 309 -19.08 47.75 -3.37
CA GLY A 309 -17.90 48.14 -2.57
C GLY A 309 -17.86 47.51 -1.18
N HIS A 310 -18.52 46.37 -0.98
CA HIS A 310 -18.49 45.62 0.31
C HIS A 310 -17.05 45.20 0.61
N ARG A 311 -16.62 45.34 1.85
CA ARG A 311 -15.29 44.88 2.35
C ARG A 311 -15.47 44.21 3.72
N MET A 312 -14.62 43.23 4.06
CA MET A 312 -14.67 42.53 5.36
C MET A 312 -14.30 43.51 6.49
N ASP A 313 -14.74 43.18 7.70
CA ASP A 313 -14.48 43.94 8.95
C ASP A 313 -13.19 43.42 9.60
N LYS A 314 -12.74 44.10 10.64
CA LYS A 314 -11.44 43.85 11.31
C LYS A 314 -11.53 42.59 12.18
N PRO A 315 -10.59 41.63 12.03
CA PRO A 315 -10.49 40.52 12.98
C PRO A 315 -10.19 40.99 14.41
N ALA A 316 -10.43 40.15 15.41
CA ALA A 316 -10.20 40.46 16.86
C ALA A 316 -8.69 40.61 17.13
N ASN A 317 -7.86 39.76 16.53
CA ASN A 317 -6.41 39.62 16.81
C ASN A 317 -5.61 40.65 16.00
N CYS A 318 -6.24 41.73 15.55
CA CYS A 318 -5.71 42.61 14.47
C CYS A 318 -5.66 44.07 14.95
N THR A 319 -4.53 44.75 14.71
CA THR A 319 -4.34 46.20 14.97
C THR A 319 -5.06 46.99 13.89
N ASN A 320 -5.34 48.27 14.13
CA ASN A 320 -5.94 49.17 13.12
C ASN A 320 -4.96 49.28 11.94
N GLU A 321 -3.65 49.32 12.23
CA GLU A 321 -2.57 49.45 11.23
C GLU A 321 -2.68 48.29 10.23
N LEU A 322 -2.67 47.05 10.72
CA LEU A 322 -2.69 45.84 9.86
C LEU A 322 -4.03 45.75 9.12
N PHE A 323 -5.13 46.20 9.76
CA PHE A 323 -6.47 46.19 9.11
C PHE A 323 -6.50 47.21 7.95
N MET A 324 -5.83 48.36 8.11
CA MET A 324 -5.77 49.40 7.05
C MET A 324 -4.96 48.87 5.85
N MET A 325 -3.94 48.06 6.12
CA MET A 325 -3.12 47.36 5.09
C MET A 325 -4.00 46.41 4.27
N MET A 326 -4.83 45.60 4.93
CA MET A 326 -5.82 44.72 4.27
C MET A 326 -6.73 45.58 3.36
N ARG A 327 -7.23 46.68 3.90
CA ARG A 327 -8.15 47.61 3.18
C ARG A 327 -7.44 48.20 1.96
N ASP A 328 -6.13 48.52 2.08
CA ASP A 328 -5.28 48.99 0.96
C ASP A 328 -5.16 47.89 -0.09
N CYS A 329 -4.93 46.66 0.35
CA CYS A 329 -4.85 45.47 -0.54
C CYS A 329 -6.17 45.32 -1.32
N TRP A 330 -7.29 45.84 -0.78
CA TRP A 330 -8.65 45.73 -1.38
C TRP A 330 -9.10 47.06 -2.02
N HIS A 331 -8.18 47.95 -2.40
CA HIS A 331 -8.55 49.18 -3.14
C HIS A 331 -9.28 48.77 -4.42
N ALA A 332 -10.36 49.46 -4.78
CA ALA A 332 -11.15 49.25 -6.00
C ALA A 332 -10.25 49.32 -7.25
N VAL A 333 -9.36 50.31 -7.27
CA VAL A 333 -8.40 50.58 -8.38
C VAL A 333 -7.13 49.77 -8.13
N PRO A 334 -6.81 48.76 -8.97
CA PRO A 334 -5.63 47.92 -8.78
C PRO A 334 -4.28 48.63 -8.58
N SER A 335 -4.01 49.67 -9.37
CA SER A 335 -2.76 50.50 -9.32
C SER A 335 -2.64 51.24 -7.99
N GLN A 336 -3.75 51.43 -7.27
CA GLN A 336 -3.78 52.14 -5.97
C GLN A 336 -3.54 51.15 -4.83
N ARG A 337 -3.56 49.84 -5.10
CA ARG A 337 -3.20 48.82 -4.10
C ARG A 337 -1.68 48.86 -3.94
N PRO A 338 -1.15 48.54 -2.75
CA PRO A 338 0.29 48.47 -2.56
C PRO A 338 0.88 47.41 -3.50
N THR A 339 2.16 47.57 -3.85
CA THR A 339 2.97 46.50 -4.47
C THR A 339 3.42 45.59 -3.33
N PHE A 340 3.79 44.35 -3.65
CA PHE A 340 4.37 43.38 -2.68
C PHE A 340 5.62 44.01 -2.06
N LYS A 341 6.46 44.65 -2.86
CA LYS A 341 7.67 45.37 -2.37
C LYS A 341 7.30 46.29 -1.20
N GLN A 342 6.25 47.11 -1.35
CA GLN A 342 5.78 48.07 -0.32
C GLN A 342 5.26 47.29 0.90
N LEU A 343 4.56 46.17 0.65
CA LEU A 343 4.02 45.30 1.72
C LEU A 343 5.18 44.70 2.54
N VAL A 344 6.27 44.28 1.89
CA VAL A 344 7.45 43.69 2.60
C VAL A 344 8.03 44.77 3.52
N GLU A 345 8.26 45.98 3.01
CA GLU A 345 8.87 47.08 3.80
C GLU A 345 7.95 47.43 4.98
N ASP A 346 6.65 47.65 4.74
CA ASP A 346 5.69 48.07 5.79
C ASP A 346 5.60 47.00 6.87
N LEU A 347 5.57 45.72 6.49
CA LEU A 347 5.42 44.58 7.44
C LEU A 347 6.72 44.41 8.25
N ASP A 348 7.89 44.58 7.63
CA ASP A 348 9.20 44.54 8.32
C ASP A 348 9.18 45.55 9.48
N ARG A 349 8.76 46.77 9.17
CA ARG A 349 8.67 47.89 10.15
C ARG A 349 7.73 47.48 11.29
N ILE A 350 6.57 46.90 10.98
CA ILE A 350 5.58 46.48 12.02
C ILE A 350 6.19 45.34 12.85
N LEU A 351 6.89 44.40 12.21
CA LEU A 351 7.49 43.23 12.90
C LEU A 351 8.55 43.71 13.91
N THR A 352 9.41 44.67 13.53
CA THR A 352 10.51 45.17 14.42
C THR A 352 9.92 46.04 15.54
N LEU A 353 8.77 46.71 15.33
CA LEU A 353 8.11 47.61 16.31
C LEU A 353 7.13 46.84 17.21
N THR A 354 6.92 45.56 16.94
CA THR A 354 6.03 44.65 17.70
C THR A 354 6.85 43.98 18.80
N THR A 355 6.29 43.88 20.01
CA THR A 355 6.93 43.33 21.24
C THR A 355 8.22 44.09 21.54
N GLU B 57 -29.17 36.93 -10.35
CA GLU B 57 -28.23 36.17 -11.23
C GLU B 57 -28.64 34.70 -11.34
N LEU B 58 -29.38 34.15 -10.37
CA LEU B 58 -29.93 32.76 -10.43
C LEU B 58 -31.33 32.81 -11.05
N PRO B 59 -31.72 31.82 -11.88
CA PRO B 59 -33.00 31.89 -12.58
C PRO B 59 -34.15 31.61 -11.62
N GLU B 60 -35.29 32.27 -11.82
CA GLU B 60 -36.50 32.09 -11.00
C GLU B 60 -37.35 31.03 -11.71
N ASP B 61 -37.79 30.00 -11.02
CA ASP B 61 -38.72 29.01 -11.62
C ASP B 61 -39.72 28.59 -10.56
N PRO B 62 -40.85 29.32 -10.41
CA PRO B 62 -41.77 29.11 -9.29
C PRO B 62 -42.26 27.66 -9.16
N LYS B 63 -42.41 26.90 -10.25
CA LYS B 63 -42.93 25.52 -10.18
C LYS B 63 -41.94 24.56 -9.49
N TRP B 64 -40.64 24.90 -9.47
CA TRP B 64 -39.57 24.06 -8.86
C TRP B 64 -39.13 24.60 -7.49
N GLU B 65 -39.54 25.82 -7.16
CA GLU B 65 -39.07 26.51 -5.94
C GLU B 65 -39.65 25.78 -4.72
N PHE B 66 -38.79 25.47 -3.74
CA PHE B 66 -39.17 24.86 -2.45
C PHE B 66 -38.79 25.86 -1.37
N PRO B 67 -39.67 26.15 -0.38
CA PRO B 67 -39.37 27.15 0.64
C PRO B 67 -38.29 26.67 1.61
N ARG B 68 -37.34 27.55 1.96
CA ARG B 68 -36.14 27.21 2.79
C ARG B 68 -36.56 26.78 4.19
N ASP B 69 -37.67 27.31 4.71
CA ASP B 69 -38.16 27.09 6.10
C ASP B 69 -38.75 25.67 6.24
N LYS B 70 -39.02 24.98 5.12
CA LYS B 70 -39.52 23.58 5.10
C LYS B 70 -38.34 22.60 4.94
N LEU B 71 -37.12 23.12 4.79
CA LEU B 71 -35.90 22.30 4.53
C LEU B 71 -34.96 22.38 5.74
N THR B 72 -34.70 21.25 6.38
CA THR B 72 -33.78 21.13 7.53
C THR B 72 -32.52 20.39 7.09
N LEU B 73 -31.42 21.13 6.89
CA LEU B 73 -30.12 20.55 6.45
C LEU B 73 -29.60 19.67 7.58
N GLY B 74 -29.05 18.51 7.24
CA GLY B 74 -28.49 17.54 8.19
C GLY B 74 -27.06 17.19 7.84
N LYS B 75 -26.72 15.90 7.91
CA LYS B 75 -25.34 15.40 7.83
C LYS B 75 -24.80 15.58 6.41
N PRO B 76 -23.57 16.10 6.24
CA PRO B 76 -22.94 16.15 4.93
C PRO B 76 -22.63 14.73 4.46
N LEU B 77 -22.76 14.47 3.16
CA LEU B 77 -22.64 13.11 2.57
C LEU B 77 -21.27 12.92 1.91
N GLY B 78 -20.31 13.78 2.23
CA GLY B 78 -18.99 13.77 1.60
C GLY B 78 -18.63 15.18 1.21
N GLU B 79 -17.34 15.51 1.37
CA GLU B 79 -16.82 16.90 1.43
C GLU B 79 -16.74 17.57 0.03
N GLY B 80 -16.62 16.84 -1.09
CA GLY B 80 -16.96 17.32 -2.44
C GLY B 80 -15.90 18.19 -3.09
N CYS B 81 -15.78 18.16 -4.42
CA CYS B 81 -14.72 18.88 -5.18
C CYS B 81 -15.25 20.22 -5.71
N PHE B 82 -16.46 20.22 -6.26
CA PHE B 82 -17.10 21.38 -6.92
C PHE B 82 -18.37 21.80 -6.16
N GLY B 83 -18.67 21.09 -5.08
CA GLY B 83 -19.77 21.44 -4.15
C GLY B 83 -19.82 20.48 -2.98
N GLN B 84 -20.92 20.59 -2.25
CA GLN B 84 -21.21 19.78 -1.05
C GLN B 84 -22.60 19.17 -1.27
N VAL B 85 -22.78 17.92 -0.89
CA VAL B 85 -24.12 17.27 -0.82
C VAL B 85 -24.42 16.98 0.64
N VAL B 86 -25.61 17.35 1.08
CA VAL B 86 -26.04 17.17 2.51
C VAL B 86 -27.38 16.45 2.50
N MET B 87 -27.54 15.46 3.38
CA MET B 87 -28.85 14.94 3.82
C MET B 87 -29.70 16.10 4.36
N ALA B 88 -31.00 16.08 4.10
CA ALA B 88 -31.95 17.08 4.63
C ALA B 88 -33.32 16.46 4.80
N GLU B 89 -34.17 17.08 5.60
CA GLU B 89 -35.60 16.71 5.76
C GLU B 89 -36.40 17.82 5.09
N ALA B 90 -37.21 17.47 4.09
CA ALA B 90 -38.13 18.36 3.36
C ALA B 90 -39.57 17.97 3.71
N VAL B 91 -40.38 18.89 4.25
CA VAL B 91 -41.73 18.52 4.77
C VAL B 91 -42.78 18.51 3.65
N GLY B 92 -42.93 19.53 2.81
CA GLY B 92 -44.03 19.52 1.84
C GLY B 92 -43.68 18.86 0.51
N ILE B 93 -42.45 18.33 0.37
CA ILE B 93 -41.82 18.15 -0.97
C ILE B 93 -42.71 17.18 -1.78
N ASP B 94 -43.21 16.13 -1.13
CA ASP B 94 -44.21 15.19 -1.72
C ASP B 94 -45.58 15.86 -1.60
N LYS B 95 -46.13 16.37 -2.72
CA LYS B 95 -47.39 17.15 -2.78
C LYS B 95 -48.57 16.28 -2.30
N ASP B 96 -48.56 14.98 -2.64
CA ASP B 96 -49.56 13.98 -2.19
C ASP B 96 -49.58 13.95 -0.66
N LYS B 97 -48.40 14.06 -0.02
CA LYS B 97 -48.21 13.87 1.44
C LYS B 97 -47.66 15.16 2.06
N PRO B 98 -48.46 16.24 2.15
CA PRO B 98 -48.02 17.44 2.87
C PRO B 98 -47.97 17.11 4.36
N LYS B 99 -47.10 17.79 5.11
CA LYS B 99 -46.91 17.54 6.57
C LYS B 99 -46.00 16.32 6.78
N GLU B 100 -45.65 15.58 5.71
CA GLU B 100 -44.74 14.41 5.80
C GLU B 100 -43.32 14.83 5.36
N ALA B 101 -42.35 14.66 6.27
CA ALA B 101 -40.91 14.90 6.09
C ALA B 101 -40.29 13.78 5.24
N VAL B 102 -39.84 14.12 4.03
CA VAL B 102 -39.09 13.22 3.11
C VAL B 102 -37.60 13.52 3.29
N THR B 103 -36.79 12.48 3.49
CA THR B 103 -35.31 12.57 3.50
C THR B 103 -34.86 12.81 2.06
N VAL B 104 -34.06 13.85 1.83
CA VAL B 104 -33.63 14.30 0.48
C VAL B 104 -32.13 14.57 0.52
N ALA B 105 -31.52 14.72 -0.65
CA ALA B 105 -30.10 15.15 -0.80
C ALA B 105 -30.14 16.58 -1.36
N VAL B 106 -29.28 17.45 -0.85
CA VAL B 106 -29.21 18.89 -1.27
C VAL B 106 -27.81 19.17 -1.76
N LYS B 107 -27.66 19.46 -3.07
CA LYS B 107 -26.38 19.87 -3.66
C LYS B 107 -26.31 21.39 -3.52
N MET B 108 -25.17 21.90 -3.04
CA MET B 108 -24.95 23.34 -2.82
C MET B 108 -23.47 23.67 -3.05
N LEU B 109 -23.15 24.95 -3.11
CA LEU B 109 -21.74 25.40 -3.27
C LEU B 109 -21.05 25.30 -1.91
N LYS B 110 -19.72 25.16 -1.92
CA LYS B 110 -18.84 25.32 -0.72
C LYS B 110 -18.36 26.77 -0.66
N ASP B 111 -17.69 27.12 0.42
CA ASP B 111 -17.09 28.46 0.71
C ASP B 111 -16.08 28.82 -0.37
N ASP B 112 -15.33 27.85 -0.89
CA ASP B 112 -14.19 28.10 -1.81
C ASP B 112 -14.66 27.84 -3.25
N ALA B 113 -15.98 27.95 -3.48
CA ALA B 113 -16.62 27.72 -4.79
C ALA B 113 -16.09 28.73 -5.82
N THR B 114 -15.91 28.23 -7.04
CA THR B 114 -15.50 29.01 -8.24
C THR B 114 -16.76 29.44 -9.00
N GLU B 115 -16.63 30.41 -9.90
CA GLU B 115 -17.67 30.80 -10.87
C GLU B 115 -18.16 29.56 -11.61
N LYS B 116 -17.25 28.72 -12.13
CA LYS B 116 -17.61 27.50 -12.89
C LYS B 116 -18.44 26.55 -12.00
N ASP B 117 -18.16 26.48 -10.69
CA ASP B 117 -18.89 25.59 -9.74
C ASP B 117 -20.37 26.01 -9.72
N LEU B 118 -20.64 27.32 -9.70
CA LEU B 118 -22.02 27.88 -9.69
C LEU B 118 -22.71 27.59 -11.03
N SER B 119 -22.05 27.91 -12.16
CA SER B 119 -22.48 27.57 -13.56
C SER B 119 -22.91 26.11 -13.62
N ASP B 120 -22.01 25.20 -13.27
CA ASP B 120 -22.22 23.74 -13.37
C ASP B 120 -23.41 23.31 -12.52
N LEU B 121 -23.59 23.89 -11.34
CA LEU B 121 -24.69 23.47 -10.45
C LEU B 121 -26.02 23.97 -11.06
N VAL B 122 -26.05 25.18 -11.61
CA VAL B 122 -27.25 25.70 -12.31
C VAL B 122 -27.54 24.80 -13.51
N SER B 123 -26.53 24.49 -14.32
CA SER B 123 -26.71 23.68 -15.56
C SER B 123 -27.31 22.34 -15.18
N GLU B 124 -26.80 21.75 -14.10
CA GLU B 124 -27.21 20.41 -13.60
C GLU B 124 -28.69 20.48 -13.24
N MET B 125 -29.10 21.53 -12.51
CA MET B 125 -30.51 21.75 -12.14
C MET B 125 -31.35 21.83 -13.42
N GLU B 126 -30.96 22.66 -14.38
CA GLU B 126 -31.74 22.86 -15.66
C GLU B 126 -31.79 21.54 -16.45
N MET B 127 -30.69 20.79 -16.53
CA MET B 127 -30.66 19.50 -17.29
C MET B 127 -31.66 18.54 -16.64
N MET B 128 -31.73 18.49 -15.30
CA MET B 128 -32.67 17.60 -14.59
C MET B 128 -34.12 18.02 -14.85
N LYS B 129 -34.41 19.32 -14.99
CA LYS B 129 -35.78 19.78 -15.33
C LYS B 129 -36.16 19.24 -16.71
N MET B 130 -35.23 19.30 -17.67
CA MET B 130 -35.45 18.95 -19.11
C MET B 130 -35.68 17.44 -19.24
N ILE B 131 -35.01 16.63 -18.42
CA ILE B 131 -35.13 15.14 -18.41
C ILE B 131 -36.42 14.76 -17.67
N GLY B 132 -37.28 13.95 -18.26
CA GLY B 132 -38.47 13.47 -17.52
C GLY B 132 -38.11 12.66 -16.26
N LYS B 133 -39.14 12.27 -15.49
CA LYS B 133 -39.08 11.26 -14.42
C LYS B 133 -38.70 9.91 -15.04
N HIS B 134 -37.80 9.15 -14.40
CA HIS B 134 -37.60 7.71 -14.69
C HIS B 134 -37.11 7.00 -13.43
N LYS B 135 -37.51 5.74 -13.27
CA LYS B 135 -37.19 4.87 -12.10
C LYS B 135 -35.67 4.75 -11.89
N ASN B 136 -34.88 4.85 -12.96
CA ASN B 136 -33.42 4.54 -12.95
C ASN B 136 -32.59 5.82 -13.19
N ILE B 137 -33.18 6.98 -12.87
CA ILE B 137 -32.57 8.33 -12.88
C ILE B 137 -32.83 8.92 -11.50
N ILE B 138 -31.84 9.54 -10.87
CA ILE B 138 -32.04 10.50 -9.74
C ILE B 138 -32.86 11.67 -10.28
N ASN B 139 -34.05 11.90 -9.71
CA ASN B 139 -34.95 12.97 -10.21
C ASN B 139 -34.82 14.22 -9.31
N LEU B 140 -34.93 15.37 -9.96
CA LEU B 140 -35.04 16.69 -9.29
C LEU B 140 -36.36 16.70 -8.51
N LEU B 141 -36.32 17.06 -7.22
CA LEU B 141 -37.52 17.25 -6.36
C LEU B 141 -37.84 18.73 -6.18
N GLY B 142 -36.84 19.61 -6.26
CA GLY B 142 -37.00 21.04 -6.00
C GLY B 142 -35.68 21.79 -5.97
N ALA B 143 -35.78 23.10 -5.77
CA ALA B 143 -34.64 24.03 -5.68
C ALA B 143 -34.99 25.21 -4.79
N CYS B 144 -34.03 25.68 -3.99
CA CYS B 144 -34.04 27.01 -3.34
C CYS B 144 -33.05 27.91 -4.11
N THR B 145 -33.54 28.90 -4.85
CA THR B 145 -32.79 29.75 -5.80
C THR B 145 -32.91 31.24 -5.44
N GLN B 146 -33.65 31.61 -4.42
CA GLN B 146 -34.02 33.02 -4.11
C GLN B 146 -33.55 33.38 -2.70
N ASP B 147 -33.04 34.62 -2.55
CA ASP B 147 -32.67 35.22 -1.23
C ASP B 147 -31.82 34.21 -0.44
N GLY B 148 -30.79 33.63 -1.07
CA GLY B 148 -29.86 32.73 -0.37
C GLY B 148 -29.04 31.86 -1.31
N PRO B 149 -28.22 30.95 -0.78
CA PRO B 149 -27.40 30.08 -1.60
C PRO B 149 -28.29 29.13 -2.43
N LEU B 150 -27.79 28.71 -3.59
CA LEU B 150 -28.49 27.75 -4.47
C LEU B 150 -28.50 26.37 -3.80
N PHE B 151 -29.69 25.83 -3.55
CA PHE B 151 -29.93 24.44 -3.11
C PHE B 151 -30.62 23.68 -4.25
N VAL B 152 -30.01 22.60 -4.74
CA VAL B 152 -30.62 21.68 -5.74
C VAL B 152 -31.01 20.40 -4.98
N ILE B 153 -32.32 20.17 -4.83
CA ILE B 153 -32.89 19.09 -3.98
C ILE B 153 -33.17 17.88 -4.86
N VAL B 154 -32.56 16.74 -4.54
CA VAL B 154 -32.68 15.49 -5.34
C VAL B 154 -33.05 14.31 -4.43
N GLU B 155 -33.46 13.19 -5.02
CA GLU B 155 -33.80 11.93 -4.30
C GLU B 155 -32.58 11.50 -3.50
N PHE B 156 -32.76 11.24 -2.20
CA PHE B 156 -31.74 10.58 -1.34
C PHE B 156 -31.71 9.11 -1.78
N ALA B 157 -30.53 8.57 -2.03
CA ALA B 157 -30.30 7.13 -2.24
C ALA B 157 -29.53 6.62 -1.03
N SER B 158 -30.21 5.92 -0.12
CA SER B 158 -29.71 5.54 1.22
C SER B 158 -28.43 4.68 1.13
N LYS B 159 -28.18 3.94 0.05
CA LYS B 159 -27.04 2.99 -0.02
C LYS B 159 -25.84 3.56 -0.79
N GLY B 160 -25.88 4.83 -1.15
CA GLY B 160 -24.74 5.60 -1.71
C GLY B 160 -24.39 5.17 -3.14
N ASN B 161 -23.19 5.52 -3.57
CA ASN B 161 -22.76 5.28 -4.97
C ASN B 161 -22.44 3.79 -5.15
N LEU B 162 -22.53 3.33 -6.40
CA LEU B 162 -22.46 1.91 -6.80
C LEU B 162 -21.04 1.38 -6.60
N ARG B 163 -20.02 2.18 -6.87
CA ARG B 163 -18.60 1.77 -6.65
C ARG B 163 -18.47 1.29 -5.21
N GLU B 164 -18.86 2.10 -4.23
CA GLU B 164 -18.66 1.78 -2.78
C GLU B 164 -19.56 0.62 -2.39
N PHE B 165 -20.77 0.59 -2.94
CA PHE B 165 -21.80 -0.46 -2.71
C PHE B 165 -21.25 -1.82 -3.11
N LEU B 166 -20.73 -1.93 -4.33
CA LEU B 166 -20.11 -3.18 -4.84
C LEU B 166 -18.91 -3.55 -3.96
N ARG B 167 -18.02 -2.60 -3.69
CA ARG B 167 -16.77 -2.88 -2.95
C ARG B 167 -17.13 -3.38 -1.56
N ALA B 168 -18.15 -2.81 -0.92
CA ALA B 168 -18.56 -3.15 0.47
C ALA B 168 -19.08 -4.59 0.52
N ARG B 169 -19.55 -5.13 -0.60
CA ARG B 169 -20.21 -6.46 -0.67
C ARG B 169 -19.32 -7.46 -1.38
N ARG B 170 -18.02 -7.16 -1.48
CA ARG B 170 -17.03 -8.09 -2.07
C ARG B 170 -16.84 -9.30 -1.16
N PRO B 171 -16.68 -10.50 -1.74
CA PRO B 171 -16.25 -11.63 -0.93
C PRO B 171 -14.84 -11.38 -0.40
N PRO B 172 -14.42 -12.09 0.68
CA PRO B 172 -13.07 -11.95 1.20
C PRO B 172 -12.02 -12.61 0.28
N GLY B 173 -10.76 -12.21 0.43
CA GLY B 173 -9.58 -12.88 -0.16
C GLY B 173 -9.27 -12.44 -1.59
N MET B 174 -9.85 -11.32 -2.01
CA MET B 174 -9.48 -10.64 -3.28
C MET B 174 -8.18 -9.87 -3.06
N GLU B 175 -7.83 -9.63 -1.77
CA GLU B 175 -6.73 -8.79 -1.19
C GLU B 175 -7.34 -7.61 -0.40
N GLU B 185 -22.73 -5.68 3.49
CA GLU B 185 -22.14 -6.96 4.01
C GLU B 185 -22.45 -8.12 3.05
N GLU B 186 -23.74 -8.36 2.76
CA GLU B 186 -24.27 -9.53 2.02
C GLU B 186 -23.70 -9.59 0.60
N GLN B 187 -23.24 -10.76 0.15
CA GLN B 187 -22.65 -10.90 -1.21
C GLN B 187 -23.77 -10.68 -2.24
N MET B 188 -23.39 -10.12 -3.38
CA MET B 188 -24.21 -10.01 -4.61
C MET B 188 -24.12 -11.30 -5.43
N THR B 189 -25.25 -11.74 -5.96
CA THR B 189 -25.33 -12.88 -6.92
C THR B 189 -24.96 -12.39 -8.32
N PHE B 190 -24.64 -13.30 -9.23
CA PHE B 190 -24.45 -12.98 -10.67
C PHE B 190 -25.72 -12.32 -11.20
N LYS B 191 -26.89 -12.83 -10.80
CA LYS B 191 -28.20 -12.30 -11.24
C LYS B 191 -28.34 -10.83 -10.77
N ASP B 192 -27.91 -10.51 -9.55
CA ASP B 192 -27.93 -9.14 -9.00
C ASP B 192 -27.11 -8.19 -9.89
N LEU B 193 -25.92 -8.60 -10.30
CA LEU B 193 -25.00 -7.80 -11.14
C LEU B 193 -25.63 -7.56 -12.52
N VAL B 194 -26.33 -8.57 -13.04
CA VAL B 194 -27.03 -8.48 -14.36
C VAL B 194 -28.23 -7.56 -14.20
N SER B 195 -29.01 -7.73 -13.14
CA SER B 195 -30.15 -6.84 -12.80
C SER B 195 -29.66 -5.40 -12.75
N CYS B 196 -28.54 -5.18 -12.06
CA CYS B 196 -27.88 -3.87 -11.93
C CYS B 196 -27.61 -3.30 -13.33
N THR B 197 -26.98 -4.09 -14.19
CA THR B 197 -26.55 -3.66 -15.54
C THR B 197 -27.78 -3.31 -16.37
N PHE B 198 -28.78 -4.18 -16.35
CA PHE B 198 -30.06 -4.02 -17.08
C PHE B 198 -30.74 -2.70 -16.66
N GLN B 199 -30.87 -2.48 -15.36
CA GLN B 199 -31.51 -1.26 -14.79
C GLN B 199 -30.81 -0.02 -15.34
N LEU B 200 -29.48 -0.04 -15.37
CA LEU B 200 -28.67 1.13 -15.80
C LEU B 200 -28.81 1.30 -17.31
N ALA B 201 -28.87 0.19 -18.07
CA ALA B 201 -29.14 0.23 -19.52
C ALA B 201 -30.49 0.91 -19.77
N ARG B 202 -31.50 0.63 -18.95
CA ARG B 202 -32.85 1.22 -19.07
C ARG B 202 -32.76 2.72 -18.79
N GLY B 203 -32.02 3.11 -17.77
CA GLY B 203 -31.77 4.52 -17.43
C GLY B 203 -31.19 5.26 -18.62
N MET B 204 -30.17 4.71 -19.26
CA MET B 204 -29.46 5.34 -20.40
C MET B 204 -30.33 5.33 -21.66
N GLU B 205 -31.11 4.27 -21.89
CA GLU B 205 -32.07 4.24 -23.02
C GLU B 205 -33.04 5.44 -22.86
N PHE B 206 -33.48 5.71 -21.63
CA PHE B 206 -34.41 6.82 -21.32
C PHE B 206 -33.72 8.17 -21.62
N LEU B 207 -32.48 8.32 -21.14
CA LEU B 207 -31.69 9.55 -21.32
C LEU B 207 -31.48 9.82 -22.80
N ALA B 208 -31.01 8.81 -23.55
CA ALA B 208 -30.78 8.92 -25.01
C ALA B 208 -32.05 9.46 -25.65
N SER B 209 -33.21 8.92 -25.28
CA SER B 209 -34.53 9.29 -25.85
C SER B 209 -34.90 10.74 -25.49
N GLN B 210 -34.35 11.29 -24.39
CA GLN B 210 -34.55 12.69 -23.96
C GLN B 210 -33.46 13.59 -24.55
N LYS B 211 -32.73 13.12 -25.56
CA LYS B 211 -31.66 13.89 -26.25
C LYS B 211 -30.50 14.22 -25.29
N CYS B 212 -30.31 13.48 -24.20
CA CYS B 212 -29.29 13.74 -23.14
C CYS B 212 -28.09 12.80 -23.27
N ILE B 213 -26.90 13.38 -23.39
CA ILE B 213 -25.59 12.68 -23.31
C ILE B 213 -25.07 12.98 -21.90
N HIS B 214 -24.82 11.94 -21.13
CA HIS B 214 -24.37 12.08 -19.72
C HIS B 214 -22.92 12.56 -19.70
N ARG B 215 -22.07 11.94 -20.51
CA ARG B 215 -20.62 12.24 -20.71
C ARG B 215 -19.78 11.75 -19.53
N ASP B 216 -20.37 11.41 -18.41
CA ASP B 216 -19.63 11.04 -17.18
C ASP B 216 -20.27 9.80 -16.55
N LEU B 217 -20.64 8.85 -17.38
CA LEU B 217 -21.21 7.57 -16.92
C LEU B 217 -20.08 6.75 -16.28
N ALA B 218 -20.26 6.38 -15.01
CA ALA B 218 -19.30 5.56 -14.23
C ALA B 218 -19.96 5.13 -12.91
N ALA B 219 -19.38 4.12 -12.26
CA ALA B 219 -19.97 3.47 -11.07
C ALA B 219 -20.15 4.52 -9.97
N ARG B 220 -19.22 5.45 -9.86
CA ARG B 220 -19.22 6.52 -8.82
C ARG B 220 -20.36 7.52 -9.09
N ASN B 221 -20.93 7.56 -10.31
CA ASN B 221 -22.04 8.46 -10.68
C ASN B 221 -23.36 7.67 -10.76
N VAL B 222 -23.39 6.49 -10.15
CA VAL B 222 -24.64 5.69 -9.98
C VAL B 222 -24.93 5.58 -8.50
N LEU B 223 -26.18 5.80 -8.09
CA LEU B 223 -26.58 5.76 -6.67
C LEU B 223 -27.56 4.60 -6.50
N VAL B 224 -27.56 3.98 -5.32
CA VAL B 224 -28.38 2.79 -4.96
C VAL B 224 -29.35 3.18 -3.84
N THR B 225 -30.65 2.99 -4.05
CA THR B 225 -31.73 3.30 -3.07
C THR B 225 -31.85 2.18 -2.02
N GLU B 226 -32.67 2.41 -1.00
CA GLU B 226 -33.00 1.44 0.08
C GLU B 226 -33.49 0.13 -0.57
N ASN B 227 -34.08 0.19 -1.77
CA ASN B 227 -34.70 -0.99 -2.44
C ASN B 227 -33.76 -1.54 -3.53
N ASN B 228 -32.49 -1.12 -3.54
CA ASN B 228 -31.46 -1.62 -4.49
C ASN B 228 -31.83 -1.22 -5.92
N VAL B 229 -32.59 -0.14 -6.10
CA VAL B 229 -32.87 0.48 -7.42
C VAL B 229 -31.62 1.28 -7.82
N MET B 230 -31.10 1.02 -9.03
CA MET B 230 -29.92 1.73 -9.58
C MET B 230 -30.41 3.05 -10.20
N LYS B 231 -29.76 4.15 -9.84
CA LYS B 231 -30.15 5.50 -10.31
C LYS B 231 -28.92 6.21 -10.86
N ILE B 232 -28.98 6.55 -12.15
CA ILE B 232 -27.95 7.42 -12.80
C ILE B 232 -28.05 8.81 -12.16
N ALA B 233 -26.92 9.40 -11.80
CA ALA B 233 -26.81 10.65 -11.03
C ALA B 233 -25.73 11.55 -11.66
N ASP B 234 -25.49 12.70 -11.03
CA ASP B 234 -24.39 13.64 -11.37
C ASP B 234 -24.56 14.13 -12.82
N PHE B 235 -25.59 14.94 -13.10
CA PHE B 235 -25.87 15.45 -14.46
C PHE B 235 -25.13 16.78 -14.73
N GLY B 236 -24.14 17.11 -13.92
CA GLY B 236 -23.43 18.40 -14.04
C GLY B 236 -22.69 18.53 -15.36
N LEU B 237 -22.26 17.42 -15.97
CA LEU B 237 -21.47 17.44 -17.23
C LEU B 237 -22.36 17.00 -18.38
N ALA B 238 -23.63 16.68 -18.13
CA ALA B 238 -24.57 16.22 -19.17
C ALA B 238 -24.88 17.37 -20.14
N ARG B 239 -24.99 17.08 -21.44
CA ARG B 239 -25.33 18.08 -22.48
C ARG B 239 -26.45 17.54 -23.36
N ASP B 240 -27.30 18.44 -23.90
CA ASP B 240 -28.25 18.12 -24.99
C ASP B 240 -27.43 17.86 -26.26
N ILE B 241 -27.65 16.71 -26.94
CA ILE B 241 -26.93 16.32 -28.18
C ILE B 241 -27.11 17.42 -29.23
N ASN B 242 -28.19 18.20 -29.14
CA ASN B 242 -28.53 19.29 -30.09
C ASN B 242 -27.87 20.62 -29.67
N ASN B 243 -26.94 20.62 -28.73
CA ASN B 243 -26.21 21.84 -28.28
C ASN B 243 -24.95 21.99 -29.13
N ILE B 244 -25.13 22.39 -30.39
CA ILE B 244 -24.05 22.60 -31.41
C ILE B 244 -23.00 23.57 -30.81
N ASP B 245 -23.46 24.76 -30.36
CA ASP B 245 -22.58 25.87 -29.91
C ASP B 245 -21.67 25.37 -28.79
N PHE B 247 -20.65 22.21 -28.23
CA PHE B 247 -19.71 21.21 -28.73
C PHE B 247 -18.68 21.85 -29.67
N LYS B 248 -19.02 22.94 -30.34
CA LYS B 248 -18.13 23.65 -31.30
C LYS B 248 -16.90 24.24 -30.57
N LYS B 249 -17.03 24.61 -29.29
CA LYS B 249 -15.95 25.26 -28.50
C LYS B 249 -15.83 24.61 -27.12
N THR B 250 -15.01 23.58 -26.90
CA THR B 250 -14.94 22.95 -25.55
C THR B 250 -13.49 22.59 -25.17
N THR B 251 -12.49 22.93 -25.98
CA THR B 251 -11.06 23.04 -25.55
C THR B 251 -10.61 21.79 -24.77
N ASN B 252 -10.26 21.90 -23.46
CA ASN B 252 -9.65 20.81 -22.64
C ASN B 252 -10.68 20.03 -21.80
N GLY B 253 -10.69 18.70 -21.93
CA GLY B 253 -11.73 17.85 -21.36
C GLY B 253 -11.63 17.78 -19.84
N ARG B 254 -12.78 17.78 -19.16
CA ARG B 254 -12.89 17.53 -17.70
C ARG B 254 -13.73 16.26 -17.49
N LEU B 255 -13.55 15.28 -18.36
CA LEU B 255 -14.16 13.93 -18.25
C LEU B 255 -13.07 12.93 -17.92
N PRO B 256 -13.27 12.08 -16.89
CA PRO B 256 -12.27 11.05 -16.55
C PRO B 256 -11.86 10.21 -17.76
N VAL B 257 -10.56 10.20 -18.07
CA VAL B 257 -10.02 9.68 -19.37
C VAL B 257 -10.37 8.20 -19.52
N LYS B 258 -10.34 7.45 -18.42
CA LYS B 258 -10.47 5.97 -18.43
C LYS B 258 -11.90 5.56 -18.79
N TRP B 259 -12.84 6.51 -18.79
CA TRP B 259 -14.27 6.23 -19.14
C TRP B 259 -14.64 6.84 -20.50
N MET B 260 -13.71 7.53 -21.17
CA MET B 260 -14.00 8.30 -22.40
C MET B 260 -13.83 7.42 -23.64
N ALA B 261 -14.80 7.49 -24.54
CA ALA B 261 -14.74 6.95 -25.91
C ALA B 261 -13.53 7.56 -26.61
N PRO B 262 -12.81 6.80 -27.46
CA PRO B 262 -11.69 7.35 -28.21
C PRO B 262 -12.07 8.63 -28.99
N GLU B 263 -13.23 8.65 -29.64
CA GLU B 263 -13.65 9.80 -30.49
C GLU B 263 -13.90 11.01 -29.56
N ALA B 264 -14.35 10.78 -28.33
CA ALA B 264 -14.59 11.87 -27.34
C ALA B 264 -13.24 12.42 -26.89
N LEU B 265 -12.26 11.54 -26.70
CA LEU B 265 -10.92 11.85 -26.15
C LEU B 265 -10.10 12.60 -27.20
N PHE B 266 -10.06 12.09 -28.43
CA PHE B 266 -9.15 12.57 -29.50
C PHE B 266 -9.82 13.71 -30.28
N ASP B 267 -11.13 13.62 -30.56
CA ASP B 267 -11.83 14.49 -31.55
C ASP B 267 -12.92 15.34 -30.90
N ARG B 268 -13.16 15.22 -29.59
CA ARG B 268 -14.23 15.97 -28.86
C ARG B 268 -15.62 15.69 -29.47
N VAL B 269 -15.86 14.46 -29.92
CA VAL B 269 -17.16 13.99 -30.48
C VAL B 269 -17.94 13.25 -29.38
N TYR B 270 -19.03 13.83 -28.91
CA TYR B 270 -19.95 13.28 -27.88
C TYR B 270 -21.31 12.97 -28.52
N THR B 271 -21.73 11.72 -28.42
CA THR B 271 -23.01 11.19 -28.93
C THR B 271 -23.55 10.20 -27.91
N HIS B 272 -24.70 9.60 -28.16
CA HIS B 272 -25.22 8.50 -27.31
C HIS B 272 -24.23 7.33 -27.43
N GLN B 273 -23.56 7.20 -28.58
CA GLN B 273 -22.61 6.08 -28.83
C GLN B 273 -21.33 6.28 -28.00
N SER B 274 -20.95 7.52 -27.66
CA SER B 274 -19.82 7.76 -26.73
C SER B 274 -20.27 7.37 -25.31
N ASP B 275 -21.54 7.58 -24.96
CA ASP B 275 -22.10 7.12 -23.65
C ASP B 275 -22.09 5.59 -23.63
N VAL B 276 -22.35 4.92 -24.76
CA VAL B 276 -22.36 3.45 -24.82
C VAL B 276 -20.97 2.90 -24.48
N TRP B 277 -19.91 3.52 -24.99
CA TRP B 277 -18.51 3.16 -24.64
C TRP B 277 -18.40 3.20 -23.12
N SER B 278 -18.78 4.34 -22.52
CA SER B 278 -18.74 4.55 -21.06
C SER B 278 -19.53 3.43 -20.35
N PHE B 279 -20.68 3.06 -20.88
CA PHE B 279 -21.53 1.99 -20.30
C PHE B 279 -20.71 0.69 -20.23
N GLY B 280 -19.91 0.41 -21.26
CA GLY B 280 -19.04 -0.78 -21.30
C GLY B 280 -18.05 -0.78 -20.13
N VAL B 281 -17.49 0.38 -19.82
CA VAL B 281 -16.55 0.55 -18.68
C VAL B 281 -17.34 0.37 -17.39
N LEU B 282 -18.55 0.90 -17.33
CA LEU B 282 -19.47 0.74 -16.18
C LEU B 282 -19.75 -0.76 -15.96
N MET B 283 -20.05 -1.50 -17.03
CA MET B 283 -20.23 -2.97 -16.96
C MET B 283 -18.98 -3.61 -16.35
N TRP B 284 -17.80 -3.25 -16.85
CA TRP B 284 -16.52 -3.81 -16.34
C TRP B 284 -16.39 -3.49 -14.84
N GLU B 285 -16.73 -2.26 -14.44
CA GLU B 285 -16.70 -1.83 -13.00
C GLU B 285 -17.62 -2.76 -12.19
N ILE B 286 -18.82 -3.03 -12.72
CA ILE B 286 -19.87 -3.81 -12.00
C ILE B 286 -19.36 -5.25 -11.78
N PHE B 287 -18.85 -5.90 -12.81
CA PHE B 287 -18.53 -7.35 -12.80
C PHE B 287 -17.15 -7.60 -12.15
N THR B 288 -16.35 -6.55 -11.87
CA THR B 288 -15.14 -6.62 -11.01
C THR B 288 -15.51 -6.24 -9.55
N LEU B 289 -16.80 -6.04 -9.26
CA LEU B 289 -17.31 -5.69 -7.91
C LEU B 289 -16.63 -4.38 -7.46
N GLY B 290 -16.58 -3.40 -8.37
CA GLY B 290 -16.04 -2.05 -8.11
C GLY B 290 -14.54 -1.98 -8.34
N GLY B 291 -14.02 -2.68 -9.33
CA GLY B 291 -12.61 -2.57 -9.72
C GLY B 291 -12.34 -1.25 -10.43
N SER B 292 -11.09 -0.87 -10.51
CA SER B 292 -10.61 0.34 -11.23
C SER B 292 -10.20 -0.03 -12.66
N PRO B 293 -10.73 0.65 -13.68
CA PRO B 293 -10.42 0.32 -15.06
C PRO B 293 -8.93 0.52 -15.44
N TYR B 294 -8.52 -0.19 -16.48
CA TYR B 294 -7.12 -0.21 -17.00
C TYR B 294 -6.18 -0.33 -15.82
N PRO B 295 -6.34 -1.37 -14.99
CA PRO B 295 -5.52 -1.54 -13.78
C PRO B 295 -4.03 -1.50 -14.13
N GLY B 296 -3.26 -0.67 -13.42
CA GLY B 296 -1.79 -0.56 -13.55
C GLY B 296 -1.38 0.32 -14.72
N ILE B 297 -2.33 0.82 -15.50
CA ILE B 297 -2.08 1.71 -16.67
C ILE B 297 -2.38 3.14 -16.27
N PRO B 298 -1.36 4.02 -16.17
CA PRO B 298 -1.60 5.42 -15.88
C PRO B 298 -2.32 6.08 -17.07
N VAL B 299 -3.21 7.02 -16.78
CA VAL B 299 -3.91 7.84 -17.81
C VAL B 299 -2.91 8.30 -18.88
N GLU B 300 -1.72 8.70 -18.47
CA GLU B 300 -0.65 9.24 -19.35
C GLU B 300 -0.43 8.30 -20.55
N GLU B 301 -0.49 6.98 -20.34
CA GLU B 301 -0.13 5.95 -21.34
C GLU B 301 -1.38 5.36 -21.99
N LEU B 302 -2.58 5.67 -21.49
CA LEU B 302 -3.84 5.13 -22.06
C LEU B 302 -4.08 5.77 -23.44
N PHE B 303 -3.78 7.06 -23.59
CA PHE B 303 -3.87 7.82 -24.88
C PHE B 303 -3.34 6.94 -26.01
N LYS B 304 -2.06 6.57 -25.90
CA LYS B 304 -1.32 5.78 -26.91
C LYS B 304 -1.96 4.39 -27.06
N LEU B 305 -2.29 3.72 -25.96
CA LEU B 305 -2.83 2.32 -25.96
C LEU B 305 -4.20 2.26 -26.62
N LEU B 306 -5.07 3.25 -26.41
CA LEU B 306 -6.42 3.31 -27.07
C LEU B 306 -6.26 3.40 -28.58
N LYS B 307 -5.34 4.24 -29.08
CA LYS B 307 -5.07 4.40 -30.54
C LYS B 307 -4.62 3.07 -31.14
N GLU B 308 -3.96 2.22 -30.36
CA GLU B 308 -3.45 0.90 -30.81
C GLU B 308 -4.48 -0.20 -30.55
N GLY B 309 -5.71 0.14 -30.15
CA GLY B 309 -6.83 -0.81 -30.00
C GLY B 309 -6.80 -1.62 -28.72
N HIS B 310 -6.10 -1.15 -27.68
CA HIS B 310 -6.06 -1.83 -26.35
C HIS B 310 -7.48 -1.86 -25.78
N ARG B 311 -7.87 -2.99 -25.20
CA ARG B 311 -9.16 -3.20 -24.51
C ARG B 311 -8.92 -4.01 -23.24
N MET B 312 -9.74 -3.80 -22.22
CA MET B 312 -9.65 -4.53 -20.93
C MET B 312 -9.99 -6.02 -21.13
N ASP B 313 -9.49 -6.88 -20.24
CA ASP B 313 -9.80 -8.33 -20.22
C ASP B 313 -11.03 -8.61 -19.36
N LYS B 314 -11.48 -9.87 -19.34
CA LYS B 314 -12.77 -10.30 -18.74
C LYS B 314 -12.68 -10.29 -17.22
N PRO B 315 -13.61 -9.62 -16.50
CA PRO B 315 -13.67 -9.71 -15.06
C PRO B 315 -13.95 -11.13 -14.56
N ALA B 316 -13.72 -11.35 -13.25
CA ALA B 316 -13.95 -12.64 -12.57
C ALA B 316 -15.43 -13.01 -12.58
N ASN B 317 -16.32 -12.05 -12.29
CA ASN B 317 -17.76 -12.38 -12.03
C ASN B 317 -18.55 -12.32 -13.36
N CYS B 318 -17.90 -12.61 -14.48
CA CYS B 318 -18.42 -12.26 -15.83
C CYS B 318 -18.42 -13.50 -16.74
N THR B 319 -19.51 -13.73 -17.47
CA THR B 319 -19.65 -14.74 -18.55
C THR B 319 -18.94 -14.23 -19.80
N ASN B 320 -18.65 -15.11 -20.75
CA ASN B 320 -18.10 -14.74 -22.08
C ASN B 320 -19.12 -13.86 -22.80
N GLU B 321 -20.42 -14.17 -22.64
CA GLU B 321 -21.55 -13.45 -23.28
C GLU B 321 -21.48 -11.99 -22.87
N LEU B 322 -21.46 -11.72 -21.56
CA LEU B 322 -21.48 -10.34 -21.02
C LEU B 322 -20.16 -9.64 -21.38
N PHE B 323 -19.06 -10.36 -21.42
CA PHE B 323 -17.74 -9.79 -21.81
C PHE B 323 -17.75 -9.39 -23.30
N MET B 324 -18.42 -10.14 -24.16
CA MET B 324 -18.53 -9.83 -25.62
C MET B 324 -19.37 -8.55 -25.78
N MET B 325 -20.38 -8.37 -24.93
CA MET B 325 -21.23 -7.15 -24.88
C MET B 325 -20.36 -5.92 -24.55
N MET B 326 -19.50 -6.02 -23.54
CA MET B 326 -18.53 -4.97 -23.17
C MET B 326 -17.66 -4.64 -24.39
N ARG B 327 -17.16 -5.66 -25.05
CA ARG B 327 -16.27 -5.54 -26.25
C ARG B 327 -17.03 -4.83 -27.36
N ASP B 328 -18.32 -5.14 -27.54
CA ASP B 328 -19.23 -4.47 -28.51
C ASP B 328 -19.37 -2.99 -28.14
N CYS B 329 -19.58 -2.71 -26.85
CA CYS B 329 -19.68 -1.33 -26.32
C CYS B 329 -18.41 -0.55 -26.67
N TRP B 330 -17.27 -1.25 -26.85
CA TRP B 330 -15.93 -0.64 -27.10
C TRP B 330 -15.52 -0.80 -28.58
N HIS B 331 -16.46 -0.98 -29.50
CA HIS B 331 -16.12 -0.97 -30.95
C HIS B 331 -15.44 0.36 -31.29
N ALA B 332 -14.38 0.34 -32.09
CA ALA B 332 -13.64 1.55 -32.56
C ALA B 332 -14.60 2.51 -33.28
N VAL B 333 -15.48 1.97 -34.11
CA VAL B 333 -16.49 2.73 -34.91
C VAL B 333 -17.75 2.91 -34.06
N PRO B 334 -18.11 4.15 -33.67
CA PRO B 334 -19.25 4.39 -32.79
C PRO B 334 -20.61 3.79 -33.23
N SER B 335 -20.93 3.90 -34.52
CA SER B 335 -22.20 3.40 -35.13
C SER B 335 -22.24 1.86 -35.08
N GLN B 336 -21.10 1.19 -34.90
CA GLN B 336 -21.01 -0.29 -34.81
C GLN B 336 -21.19 -0.74 -33.36
N ARG B 337 -21.18 0.18 -32.41
CA ARG B 337 -21.50 -0.13 -30.99
C ARG B 337 -23.01 -0.33 -30.90
N PRO B 338 -23.49 -1.17 -29.97
CA PRO B 338 -24.93 -1.33 -29.78
C PRO B 338 -25.54 0.02 -29.36
N THR B 339 -26.82 0.22 -29.65
CA THR B 339 -27.64 1.30 -29.07
C THR B 339 -28.05 0.83 -27.67
N PHE B 340 -28.41 1.76 -26.79
CA PHE B 340 -28.94 1.46 -25.44
C PHE B 340 -30.18 0.57 -25.59
N LYS B 341 -31.06 0.91 -26.55
CA LYS B 341 -32.27 0.09 -26.85
C LYS B 341 -31.88 -1.39 -27.01
N GLN B 342 -30.83 -1.67 -27.82
CA GLN B 342 -30.35 -3.06 -28.10
C GLN B 342 -29.77 -3.66 -26.82
N LEU B 343 -29.08 -2.85 -26.02
CA LEU B 343 -28.48 -3.28 -24.73
C LEU B 343 -29.59 -3.67 -23.75
N VAL B 344 -30.70 -2.94 -23.71
CA VAL B 344 -31.84 -3.23 -22.79
C VAL B 344 -32.42 -4.59 -23.20
N GLU B 345 -32.69 -4.79 -24.50
CA GLU B 345 -33.30 -6.05 -24.98
C GLU B 345 -32.35 -7.23 -24.71
N ASP B 346 -31.06 -7.11 -25.05
CA ASP B 346 -30.07 -8.20 -24.88
C ASP B 346 -29.92 -8.56 -23.40
N LEU B 347 -29.88 -7.56 -22.52
CA LEU B 347 -29.67 -7.77 -21.06
C LEU B 347 -30.92 -8.40 -20.44
N ASP B 348 -32.12 -7.96 -20.87
CA ASP B 348 -33.42 -8.54 -20.43
C ASP B 348 -33.39 -10.05 -20.70
N ARG B 349 -33.01 -10.44 -21.91
CA ARG B 349 -32.92 -11.85 -22.36
C ARG B 349 -31.94 -12.61 -21.46
N ILE B 350 -30.78 -12.03 -21.16
CA ILE B 350 -29.76 -12.68 -20.29
C ILE B 350 -30.33 -12.82 -18.87
N LEU B 351 -31.00 -11.79 -18.37
CA LEU B 351 -31.56 -11.79 -17.00
C LEU B 351 -32.60 -12.90 -16.86
N THR B 352 -33.49 -13.07 -17.84
CA THR B 352 -34.60 -14.09 -17.78
C THR B 352 -34.03 -15.50 -17.99
N LEU B 353 -32.90 -15.66 -18.69
CA LEU B 353 -32.27 -16.97 -19.01
C LEU B 353 -31.22 -17.34 -17.95
N THR B 354 -31.22 -16.72 -16.78
CA THR B 354 -30.09 -16.78 -15.80
C THR B 354 -29.82 -18.23 -15.33
N THR B 355 -30.84 -18.98 -14.86
CA THR B 355 -30.74 -20.36 -14.29
C THR B 355 -29.77 -20.35 -13.10
N ASN B 356 -30.08 -19.53 -12.09
CA ASN B 356 -29.21 -19.13 -10.95
C ASN B 356 -28.01 -20.08 -10.84
N GLU C 57 27.73 -38.21 10.91
CA GLU C 57 27.67 -39.62 10.38
C GLU C 57 26.21 -40.04 10.26
N LEU C 58 25.84 -40.67 9.13
CA LEU C 58 24.44 -41.05 8.80
C LEU C 58 24.44 -42.44 8.19
N PRO C 59 23.45 -43.31 8.51
CA PRO C 59 23.47 -44.69 8.04
C PRO C 59 23.09 -44.71 6.55
N GLU C 60 23.63 -45.67 5.79
CA GLU C 60 23.28 -45.86 4.36
C GLU C 60 22.10 -46.82 4.30
N ASP C 61 21.04 -46.43 3.58
CA ASP C 61 19.84 -47.23 3.25
C ASP C 61 19.99 -47.55 1.78
N PRO C 62 20.61 -48.70 1.42
CA PRO C 62 21.04 -48.95 0.04
C PRO C 62 19.93 -48.78 -1.02
N LYS C 63 18.68 -49.12 -0.67
CA LYS C 63 17.54 -49.05 -1.62
C LYS C 63 17.20 -47.60 -2.00
N TRP C 64 17.57 -46.61 -1.17
CA TRP C 64 17.26 -45.17 -1.40
C TRP C 64 18.50 -44.40 -1.85
N GLU C 65 19.69 -44.95 -1.64
CA GLU C 65 20.96 -44.22 -1.93
C GLU C 65 21.06 -44.02 -3.45
N PHE C 66 21.36 -42.81 -3.89
CA PHE C 66 21.66 -42.45 -5.29
C PHE C 66 23.10 -41.97 -5.36
N PRO C 67 23.90 -42.42 -6.36
CA PRO C 67 25.31 -42.00 -6.45
C PRO C 67 25.44 -40.53 -6.88
N ARG C 68 26.33 -39.77 -6.23
CA ARG C 68 26.52 -38.31 -6.45
C ARG C 68 26.94 -38.01 -7.90
N ASP C 69 27.69 -38.91 -8.53
CA ASP C 69 28.28 -38.71 -9.89
C ASP C 69 27.19 -38.82 -10.96
N LYS C 70 26.01 -39.35 -10.62
CA LYS C 70 24.84 -39.44 -11.54
C LYS C 70 23.92 -38.22 -11.37
N LEU C 71 24.23 -37.34 -10.41
CA LEU C 71 23.39 -36.15 -10.06
C LEU C 71 24.13 -34.87 -10.46
N THR C 72 23.57 -34.09 -11.38
CA THR C 72 24.11 -32.79 -11.83
C THR C 72 23.25 -31.66 -11.27
N LEU C 73 23.73 -30.98 -10.23
CA LEU C 73 23.01 -29.85 -9.61
C LEU C 73 22.91 -28.71 -10.64
N GLY C 74 21.76 -28.06 -10.71
CA GLY C 74 21.48 -26.93 -11.61
C GLY C 74 21.00 -25.72 -10.83
N LYS C 75 19.96 -25.06 -11.32
CA LYS C 75 19.56 -23.72 -10.83
C LYS C 75 18.88 -23.88 -9.48
N PRO C 76 19.19 -23.01 -8.49
CA PRO C 76 18.47 -23.00 -7.22
C PRO C 76 17.02 -22.59 -7.46
N LEU C 77 16.08 -23.21 -6.74
CA LEU C 77 14.62 -23.00 -6.91
C LEU C 77 14.10 -22.10 -5.80
N GLY C 78 14.99 -21.43 -5.07
CA GLY C 78 14.63 -20.55 -3.94
C GLY C 78 15.31 -20.98 -2.67
N GLU C 79 15.91 -20.03 -1.95
CA GLU C 79 16.48 -20.19 -0.60
C GLU C 79 15.30 -20.27 0.39
N GLY C 80 15.17 -21.40 1.10
CA GLY C 80 14.16 -21.63 2.13
C GLY C 80 14.59 -21.08 3.49
N CYS C 81 13.89 -21.47 4.55
CA CYS C 81 14.11 -20.98 5.94
C CYS C 81 15.06 -21.92 6.68
N PHE C 82 14.92 -23.23 6.46
CA PHE C 82 15.65 -24.32 7.17
C PHE C 82 16.51 -25.10 6.17
N GLY C 83 16.52 -24.68 4.89
CA GLY C 83 17.12 -25.45 3.79
C GLY C 83 16.97 -24.77 2.44
N GLN C 84 17.55 -25.36 1.41
CA GLN C 84 17.65 -24.84 0.02
C GLN C 84 17.18 -25.95 -0.92
N VAL C 85 16.49 -25.62 -2.00
CA VAL C 85 16.08 -26.59 -3.05
C VAL C 85 16.77 -26.20 -4.35
N VAL C 86 17.31 -27.18 -5.08
CA VAL C 86 18.00 -26.97 -6.39
C VAL C 86 17.41 -27.94 -7.40
N MET C 87 17.13 -27.46 -8.61
CA MET C 87 16.90 -28.31 -9.81
C MET C 87 18.16 -29.14 -10.04
N ALA C 88 18.01 -30.39 -10.51
CA ALA C 88 19.13 -31.28 -10.85
C ALA C 88 18.71 -32.24 -11.97
N GLU C 89 19.69 -32.84 -12.64
CA GLU C 89 19.48 -33.96 -13.59
C GLU C 89 20.02 -35.22 -12.92
N ALA C 90 19.15 -36.21 -12.72
CA ALA C 90 19.49 -37.55 -12.18
C ALA C 90 19.36 -38.58 -13.29
N VAL C 91 20.46 -39.23 -13.68
CA VAL C 91 20.47 -40.30 -14.72
C VAL C 91 20.37 -41.63 -13.97
N GLY C 92 19.43 -42.49 -14.35
CA GLY C 92 19.27 -43.81 -13.73
C GLY C 92 18.51 -43.76 -12.41
N ILE C 93 17.96 -42.61 -12.03
CA ILE C 93 17.09 -42.51 -10.81
C ILE C 93 15.91 -43.47 -10.99
N ASP C 94 15.35 -43.56 -12.20
CA ASP C 94 14.37 -44.61 -12.59
C ASP C 94 15.16 -45.88 -12.91
N LYS C 95 15.12 -46.88 -12.02
CA LYS C 95 15.94 -48.13 -12.10
C LYS C 95 15.60 -48.91 -13.38
N ASP C 96 14.33 -48.91 -13.78
CA ASP C 96 13.83 -49.52 -15.04
C ASP C 96 14.56 -48.89 -16.24
N LYS C 97 14.81 -47.57 -16.17
CA LYS C 97 15.35 -46.74 -17.28
C LYS C 97 16.68 -46.11 -16.88
N PRO C 98 17.78 -46.91 -16.75
CA PRO C 98 19.10 -46.33 -16.54
C PRO C 98 19.53 -45.63 -17.84
N LYS C 99 20.36 -44.60 -17.74
CA LYS C 99 20.79 -43.77 -18.91
C LYS C 99 19.70 -42.79 -19.30
N GLU C 100 18.55 -42.79 -18.60
CA GLU C 100 17.49 -41.75 -18.78
C GLU C 100 17.61 -40.69 -17.68
N ALA C 101 17.91 -39.45 -18.09
CA ALA C 101 18.10 -38.26 -17.20
C ALA C 101 16.72 -37.70 -16.83
N VAL C 102 16.35 -37.80 -15.55
CA VAL C 102 15.09 -37.24 -14.99
C VAL C 102 15.44 -35.90 -14.32
N THR C 103 14.69 -34.84 -14.63
CA THR C 103 14.78 -33.54 -13.92
C THR C 103 14.15 -33.71 -12.54
N VAL C 104 14.89 -33.37 -11.49
CA VAL C 104 14.47 -33.60 -10.07
C VAL C 104 14.71 -32.32 -9.27
N ALA C 105 14.17 -32.28 -8.06
CA ALA C 105 14.45 -31.25 -7.04
C ALA C 105 15.31 -31.90 -5.94
N VAL C 106 16.29 -31.17 -5.42
CA VAL C 106 17.19 -31.66 -4.34
C VAL C 106 17.08 -30.71 -3.15
N LYS C 107 16.55 -31.20 -2.02
CA LYS C 107 16.50 -30.46 -0.73
C LYS C 107 17.84 -30.72 -0.03
N MET C 108 18.48 -29.66 0.45
CA MET C 108 19.80 -29.72 1.13
C MET C 108 19.87 -28.63 2.19
N LEU C 109 20.90 -28.68 3.03
CA LEU C 109 21.11 -27.63 4.06
C LEU C 109 21.72 -26.40 3.39
N LYS C 110 21.50 -25.23 4.00
CA LYS C 110 22.18 -23.96 3.67
C LYS C 110 23.46 -23.85 4.51
N ASP C 111 24.28 -22.83 4.21
CA ASP C 111 25.56 -22.53 4.88
C ASP C 111 25.32 -22.23 6.37
N ASP C 112 24.19 -21.59 6.70
CA ASP C 112 23.91 -21.10 8.07
C ASP C 112 22.97 -22.09 8.77
N ALA C 113 22.95 -23.34 8.31
CA ALA C 113 22.10 -24.43 8.84
C ALA C 113 22.42 -24.67 10.32
N THR C 114 21.37 -24.93 11.09
CA THR C 114 21.42 -25.33 12.52
C THR C 114 21.43 -26.85 12.63
N GLU C 115 21.81 -27.37 13.79
CA GLU C 115 21.75 -28.82 14.10
C GLU C 115 20.31 -29.31 13.85
N LYS C 116 19.32 -28.58 14.34
CA LYS C 116 17.88 -28.93 14.17
C LYS C 116 17.52 -28.99 12.67
N ASP C 117 18.09 -28.12 11.83
CA ASP C 117 17.83 -28.12 10.36
C ASP C 117 18.25 -29.48 9.78
N LEU C 118 19.39 -30.03 10.21
CA LEU C 118 19.89 -31.35 9.74
C LEU C 118 18.95 -32.47 10.24
N SER C 119 18.64 -32.50 11.55
CA SER C 119 17.65 -33.40 12.19
C SER C 119 16.36 -33.44 11.34
N ASP C 120 15.77 -32.26 11.14
CA ASP C 120 14.47 -32.10 10.45
C ASP C 120 14.57 -32.62 9.01
N LEU C 121 15.69 -32.39 8.32
CA LEU C 121 15.83 -32.83 6.91
C LEU C 121 15.94 -34.37 6.90
N VAL C 122 16.67 -34.97 7.85
CA VAL C 122 16.73 -36.46 7.95
C VAL C 122 15.32 -37.00 8.27
N SER C 123 14.62 -36.43 9.24
CA SER C 123 13.25 -36.87 9.64
C SER C 123 12.32 -36.82 8.43
N GLU C 124 12.43 -35.74 7.65
CA GLU C 124 11.57 -35.49 6.46
C GLU C 124 11.87 -36.59 5.44
N MET C 125 13.14 -36.92 5.22
CA MET C 125 13.55 -38.04 4.32
C MET C 125 12.91 -39.34 4.82
N GLU C 126 13.02 -39.67 6.10
CA GLU C 126 12.48 -40.91 6.70
C GLU C 126 10.95 -40.93 6.55
N MET C 127 10.26 -39.82 6.83
CA MET C 127 8.78 -39.73 6.69
C MET C 127 8.38 -40.05 5.23
N MET C 128 9.13 -39.51 4.26
CA MET C 128 8.82 -39.69 2.82
C MET C 128 9.06 -41.15 2.42
N LYS C 129 10.02 -41.85 3.05
CA LYS C 129 10.24 -43.31 2.80
C LYS C 129 8.96 -44.08 3.15
N MET C 130 8.32 -43.75 4.27
CA MET C 130 7.12 -44.46 4.80
C MET C 130 5.92 -44.29 3.86
N ILE C 131 5.79 -43.15 3.19
CA ILE C 131 4.64 -42.81 2.30
C ILE C 131 4.82 -43.51 0.95
N GLY C 132 3.82 -44.28 0.49
CA GLY C 132 3.89 -44.91 -0.85
C GLY C 132 3.91 -43.88 -1.97
N LYS C 133 4.10 -44.33 -3.22
CA LYS C 133 3.97 -43.50 -4.44
C LYS C 133 2.50 -43.08 -4.61
N HIS C 134 2.24 -41.83 -4.98
CA HIS C 134 0.92 -41.36 -5.45
C HIS C 134 1.08 -40.13 -6.36
N LYS C 135 0.22 -40.03 -7.38
CA LYS C 135 0.25 -39.00 -8.45
C LYS C 135 0.14 -37.59 -7.85
N ASN C 136 -0.50 -37.44 -6.68
CA ASN C 136 -0.87 -36.12 -6.10
C ASN C 136 -0.05 -35.85 -4.83
N ILE C 137 1.11 -36.51 -4.70
CA ILE C 137 2.11 -36.39 -3.61
C ILE C 137 3.45 -36.15 -4.31
N ILE C 138 4.25 -35.19 -3.84
CA ILE C 138 5.72 -35.15 -4.13
C ILE C 138 6.33 -36.40 -3.47
N ASN C 139 6.94 -37.27 -4.26
CA ASN C 139 7.47 -38.56 -3.78
C ASN C 139 8.99 -38.45 -3.64
N LEU C 140 9.56 -39.13 -2.64
CA LEU C 140 11.02 -39.33 -2.51
C LEU C 140 11.47 -40.19 -3.70
N LEU C 141 12.50 -39.76 -4.42
CA LEU C 141 13.13 -40.50 -5.54
C LEU C 141 14.45 -41.14 -5.08
N GLY C 142 15.13 -40.52 -4.11
CA GLY C 142 16.46 -40.97 -3.67
C GLY C 142 17.11 -40.00 -2.71
N ALA C 143 18.31 -40.37 -2.24
CA ALA C 143 19.09 -39.60 -1.25
C ALA C 143 20.59 -39.83 -1.46
N CYS C 144 21.40 -38.78 -1.34
CA CYS C 144 22.87 -38.86 -1.19
C CYS C 144 23.21 -38.52 0.27
N THR C 145 23.66 -39.53 1.02
CA THR C 145 23.81 -39.45 2.51
C THR C 145 25.26 -39.72 2.94
N GLN C 146 26.17 -40.01 2.00
CA GLN C 146 27.54 -40.50 2.32
C GLN C 146 28.59 -39.54 1.73
N ASP C 147 29.67 -39.32 2.47
CA ASP C 147 30.88 -38.58 2.02
C ASP C 147 30.46 -37.26 1.34
N GLY C 148 29.59 -36.49 1.98
CA GLY C 148 29.16 -35.18 1.45
C GLY C 148 27.89 -34.66 2.10
N PRO C 149 27.39 -33.49 1.65
CA PRO C 149 26.18 -32.91 2.22
C PRO C 149 24.98 -33.81 1.94
N LEU C 150 23.98 -33.78 2.83
CA LEU C 150 22.73 -34.56 2.68
C LEU C 150 21.93 -33.98 1.51
N PHE C 151 21.67 -34.80 0.49
CA PHE C 151 20.75 -34.51 -0.63
C PHE C 151 19.52 -35.39 -0.49
N VAL C 152 18.34 -34.76 -0.38
CA VAL C 152 17.03 -35.47 -0.43
C VAL C 152 16.42 -35.16 -1.79
N ILE C 153 16.35 -36.16 -2.67
CA ILE C 153 15.96 -36.01 -4.11
C ILE C 153 14.46 -36.30 -4.22
N VAL C 154 13.69 -35.34 -4.77
CA VAL C 154 12.21 -35.39 -4.85
C VAL C 154 11.76 -35.02 -6.28
N GLU C 155 10.50 -35.30 -6.61
CA GLU C 155 9.90 -34.96 -7.94
C GLU C 155 9.92 -33.45 -8.15
N PHE C 156 10.43 -32.99 -9.30
CA PHE C 156 10.40 -31.58 -9.77
C PHE C 156 8.95 -31.23 -10.12
N ALA C 157 8.44 -30.11 -9.64
CA ALA C 157 7.20 -29.49 -10.15
C ALA C 157 7.51 -28.12 -10.79
N SER C 158 7.54 -28.07 -12.12
CA SER C 158 8.05 -26.93 -12.92
C SER C 158 7.29 -25.62 -12.64
N LYS C 159 6.03 -25.65 -12.25
CA LYS C 159 5.17 -24.43 -12.18
C LYS C 159 5.07 -23.88 -10.75
N GLY C 160 5.82 -24.43 -9.81
CA GLY C 160 5.96 -23.87 -8.45
C GLY C 160 4.71 -24.04 -7.60
N ASN C 161 4.61 -23.29 -6.51
CA ASN C 161 3.57 -23.52 -5.49
C ASN C 161 2.24 -22.96 -6.01
N LEU C 162 1.15 -23.50 -5.47
CA LEU C 162 -0.23 -23.27 -5.93
C LEU C 162 -0.67 -21.84 -5.62
N ARG C 163 -0.27 -21.29 -4.47
CA ARG C 163 -0.58 -19.87 -4.12
C ARG C 163 -0.16 -18.97 -5.29
N GLU C 164 1.11 -19.05 -5.72
CA GLU C 164 1.66 -18.12 -6.76
C GLU C 164 1.00 -18.42 -8.10
N PHE C 165 0.77 -19.71 -8.39
CA PHE C 165 0.13 -20.21 -9.63
C PHE C 165 -1.25 -19.57 -9.79
N LEU C 166 -2.08 -19.67 -8.76
CA LEU C 166 -3.43 -19.09 -8.76
C LEU C 166 -3.34 -17.56 -8.91
N ARG C 167 -2.48 -16.91 -8.11
CA ARG C 167 -2.39 -15.43 -8.10
C ARG C 167 -1.99 -14.95 -9.49
N ALA C 168 -1.07 -15.65 -10.15
CA ALA C 168 -0.54 -15.28 -11.49
C ALA C 168 -1.65 -15.31 -12.53
N ARG C 169 -2.70 -16.11 -12.33
CA ARG C 169 -3.78 -16.36 -13.32
C ARG C 169 -5.06 -15.61 -12.94
N ARG C 170 -4.97 -14.65 -12.02
CA ARG C 170 -6.13 -13.85 -11.56
C ARG C 170 -6.65 -12.94 -12.67
N PRO C 171 -7.98 -12.80 -12.82
CA PRO C 171 -8.53 -11.80 -13.72
C PRO C 171 -8.15 -10.40 -13.24
N PRO C 172 -8.27 -9.37 -14.09
CA PRO C 172 -8.00 -7.99 -13.69
C PRO C 172 -9.12 -7.42 -12.81
N GLY C 173 -8.81 -6.38 -12.02
CA GLY C 173 -9.81 -5.53 -11.33
C GLY C 173 -10.14 -5.99 -9.92
N MET C 174 -9.35 -6.89 -9.37
CA MET C 174 -9.63 -7.46 -8.02
C MET C 174 -9.12 -6.53 -6.90
N GLU C 175 -8.37 -5.47 -7.24
CA GLU C 175 -7.59 -4.64 -6.28
C GLU C 175 -8.48 -3.60 -5.48
N GLU C 186 -4.98 -17.66 -20.00
CA GLU C 186 -4.34 -17.95 -18.68
C GLU C 186 -5.39 -18.06 -17.56
N GLN C 187 -6.56 -17.44 -17.70
CA GLN C 187 -7.60 -17.43 -16.62
C GLN C 187 -8.08 -18.87 -16.40
N MET C 188 -8.31 -19.22 -15.14
CA MET C 188 -8.76 -20.57 -14.71
C MET C 188 -10.28 -20.64 -14.73
N THR C 189 -10.82 -21.77 -15.20
CA THR C 189 -12.27 -22.04 -15.20
C THR C 189 -12.67 -22.54 -13.80
N PHE C 190 -13.97 -22.52 -13.52
CA PHE C 190 -14.54 -23.09 -12.27
C PHE C 190 -14.17 -24.56 -12.22
N LYS C 191 -14.24 -25.25 -13.36
CA LYS C 191 -13.93 -26.70 -13.48
C LYS C 191 -12.46 -26.93 -13.10
N ASP C 192 -11.55 -26.05 -13.51
CA ASP C 192 -10.10 -26.13 -13.18
C ASP C 192 -9.92 -26.11 -11.66
N LEU C 193 -10.60 -25.20 -10.96
CA LEU C 193 -10.47 -25.02 -9.49
C LEU C 193 -11.03 -26.24 -8.78
N VAL C 194 -12.10 -26.83 -9.32
CA VAL C 194 -12.73 -28.07 -8.75
C VAL C 194 -11.76 -29.24 -9.00
N SER C 195 -11.24 -29.36 -10.22
CA SER C 195 -10.23 -30.40 -10.58
C SER C 195 -9.06 -30.32 -9.59
N CYS C 196 -8.59 -29.10 -9.34
CA CYS C 196 -7.49 -28.82 -8.40
C CYS C 196 -7.85 -29.39 -7.03
N THR C 197 -9.05 -29.03 -6.54
CA THR C 197 -9.51 -29.40 -5.18
C THR C 197 -9.60 -30.93 -5.08
N PHE C 198 -10.22 -31.55 -6.08
CA PHE C 198 -10.43 -33.02 -6.19
C PHE C 198 -9.07 -33.73 -6.11
N GLN C 199 -8.11 -33.30 -6.93
CA GLN C 199 -6.76 -33.89 -6.99
C GLN C 199 -6.14 -33.88 -5.59
N LEU C 200 -6.27 -32.77 -4.89
CA LEU C 200 -5.63 -32.56 -3.56
C LEU C 200 -6.38 -33.42 -2.54
N ALA C 201 -7.70 -33.52 -2.64
CA ALA C 201 -8.52 -34.42 -1.80
C ALA C 201 -8.01 -35.88 -1.97
N ARG C 202 -7.70 -36.28 -3.20
CA ARG C 202 -7.19 -37.64 -3.51
C ARG C 202 -5.82 -37.83 -2.85
N GLY C 203 -4.96 -36.82 -2.94
CA GLY C 203 -3.65 -36.84 -2.28
C GLY C 203 -3.79 -37.10 -0.80
N MET C 204 -4.69 -36.36 -0.13
CA MET C 204 -4.88 -36.46 1.35
C MET C 204 -5.58 -37.76 1.73
N GLU C 205 -6.52 -38.24 0.92
CA GLU C 205 -7.17 -39.57 1.17
C GLU C 205 -6.05 -40.62 1.21
N PHE C 206 -5.09 -40.52 0.29
CA PHE C 206 -3.95 -41.47 0.18
C PHE C 206 -3.09 -41.37 1.43
N LEU C 207 -2.74 -40.14 1.84
CA LEU C 207 -1.89 -39.87 3.02
C LEU C 207 -2.55 -40.44 4.28
N ALA C 208 -3.82 -40.12 4.50
CA ALA C 208 -4.60 -40.61 5.66
C ALA C 208 -4.47 -42.13 5.71
N SER C 209 -4.62 -42.80 4.57
CA SER C 209 -4.59 -44.28 4.44
C SER C 209 -3.19 -44.81 4.75
N GLN C 210 -2.15 -43.99 4.58
CA GLN C 210 -0.74 -44.34 4.93
C GLN C 210 -0.43 -43.95 6.37
N LYS C 211 -1.44 -43.65 7.18
CA LYS C 211 -1.29 -43.29 8.63
C LYS C 211 -0.49 -41.99 8.79
N CYS C 212 -0.51 -41.11 7.78
CA CYS C 212 0.25 -39.83 7.77
C CYS C 212 -0.68 -38.64 8.06
N ILE C 213 -0.36 -37.86 9.09
CA ILE C 213 -0.93 -36.49 9.31
C ILE C 213 0.11 -35.49 8.80
N HIS C 214 -0.30 -34.66 7.83
CA HIS C 214 0.59 -33.67 7.17
C HIS C 214 0.89 -32.53 8.15
N ARG C 215 -0.16 -32.02 8.81
CA ARG C 215 -0.14 -30.96 9.86
C ARG C 215 0.10 -29.57 9.26
N ASP C 216 0.53 -29.46 8.00
CA ASP C 216 0.91 -28.16 7.38
C ASP C 216 0.32 -28.06 5.96
N LEU C 217 -0.92 -28.51 5.81
CA LEU C 217 -1.60 -28.46 4.50
C LEU C 217 -1.95 -27.00 4.20
N ALA C 218 -1.51 -26.47 3.07
CA ALA C 218 -1.74 -25.06 2.65
C ALA C 218 -1.32 -24.86 1.20
N ALA C 219 -1.81 -23.80 0.56
CA ALA C 219 -1.60 -23.54 -0.90
C ALA C 219 -0.10 -23.45 -1.18
N ARG C 220 0.66 -22.86 -0.26
CA ARG C 220 2.13 -22.67 -0.41
C ARG C 220 2.84 -24.04 -0.31
N ASN C 221 2.21 -25.08 0.23
CA ASN C 221 2.79 -26.44 0.36
C ASN C 221 2.20 -27.38 -0.70
N VAL C 222 1.59 -26.82 -1.74
CA VAL C 222 1.13 -27.58 -2.92
C VAL C 222 1.94 -27.12 -4.13
N LEU C 223 2.46 -28.05 -4.91
CA LEU C 223 3.28 -27.72 -6.10
C LEU C 223 2.53 -28.18 -7.34
N VAL C 224 2.72 -27.45 -8.45
CA VAL C 224 2.03 -27.69 -9.75
C VAL C 224 3.07 -28.11 -10.78
N THR C 225 2.89 -29.26 -11.44
CA THR C 225 3.81 -29.82 -12.47
C THR C 225 3.59 -29.13 -13.81
N GLU C 226 4.45 -29.42 -14.79
CA GLU C 226 4.32 -28.92 -16.19
C GLU C 226 2.95 -29.30 -16.74
N ASN C 227 2.34 -30.39 -16.25
CA ASN C 227 1.04 -30.90 -16.77
C ASN C 227 -0.12 -30.51 -15.85
N ASN C 228 0.09 -29.52 -14.95
CA ASN C 228 -0.95 -28.96 -14.05
C ASN C 228 -1.47 -30.04 -13.08
N VAL C 229 -0.65 -31.04 -12.77
CA VAL C 229 -0.91 -32.03 -11.70
C VAL C 229 -0.61 -31.37 -10.36
N MET C 230 -1.56 -31.39 -9.42
CA MET C 230 -1.42 -30.87 -8.04
C MET C 230 -0.68 -31.91 -7.20
N LYS C 231 0.38 -31.49 -6.51
CA LYS C 231 1.18 -32.40 -5.66
C LYS C 231 1.34 -31.76 -4.27
N ILE C 232 0.83 -32.45 -3.25
CA ILE C 232 1.08 -32.11 -1.83
C ILE C 232 2.58 -32.29 -1.56
N ALA C 233 3.20 -31.32 -0.88
CA ALA C 233 4.66 -31.21 -0.69
C ALA C 233 4.96 -30.82 0.77
N ASP C 234 6.25 -30.64 1.08
CA ASP C 234 6.74 -30.09 2.37
C ASP C 234 6.25 -30.97 3.52
N PHE C 235 6.88 -32.14 3.66
CA PHE C 235 6.69 -33.08 4.79
C PHE C 235 7.65 -32.59 5.89
N GLY C 236 8.01 -33.37 6.90
CA GLY C 236 8.96 -32.83 7.89
C GLY C 236 8.28 -31.96 8.94
N LEU C 237 7.03 -31.52 8.78
CA LEU C 237 6.08 -31.40 9.92
C LEU C 237 5.14 -32.60 9.96
N ALA C 238 5.16 -33.45 8.94
CA ALA C 238 4.28 -34.64 8.88
C ALA C 238 4.73 -35.67 9.92
N ARG C 239 3.77 -36.34 10.56
CA ARG C 239 4.02 -37.37 11.59
C ARG C 239 3.18 -38.60 11.27
N ASP C 240 3.73 -39.79 11.55
CA ASP C 240 2.99 -41.07 11.61
C ASP C 240 2.07 -41.02 12.84
N ILE C 241 0.77 -41.28 12.68
CA ILE C 241 -0.27 -41.23 13.76
C ILE C 241 0.41 -41.26 15.14
N GLY C 253 4.47 -25.67 19.08
CA GLY C 253 3.61 -25.15 18.00
C GLY C 253 4.44 -24.47 16.90
N ARG C 254 4.85 -25.25 15.89
CA ARG C 254 5.56 -24.77 14.68
C ARG C 254 4.65 -24.91 13.45
N LEU C 255 3.33 -24.84 13.64
CA LEU C 255 2.33 -24.94 12.55
C LEU C 255 1.69 -23.57 12.37
N PRO C 256 1.64 -23.02 11.15
CA PRO C 256 0.99 -21.73 10.92
C PRO C 256 -0.45 -21.71 11.48
N VAL C 257 -0.73 -20.77 12.39
CA VAL C 257 -1.97 -20.75 13.22
C VAL C 257 -3.20 -20.69 12.34
N LYS C 258 -3.13 -19.95 11.22
CA LYS C 258 -4.31 -19.67 10.35
C LYS C 258 -4.78 -20.94 9.64
N TRP C 259 -3.98 -22.01 9.65
CA TRP C 259 -4.32 -23.31 8.99
C TRP C 259 -4.61 -24.40 10.03
N MET C 260 -4.52 -24.09 11.32
CA MET C 260 -4.64 -25.08 12.42
C MET C 260 -6.10 -25.24 12.84
N ALA C 261 -6.54 -26.50 12.96
CA ALA C 261 -7.81 -26.89 13.60
C ALA C 261 -7.83 -26.35 15.03
N PRO C 262 -8.98 -25.90 15.55
CA PRO C 262 -9.09 -25.45 16.94
C PRO C 262 -8.55 -26.48 17.95
N GLU C 263 -8.86 -27.77 17.76
CA GLU C 263 -8.44 -28.82 18.72
C GLU C 263 -6.91 -28.96 18.65
N ALA C 264 -6.30 -28.73 17.49
CA ALA C 264 -4.83 -28.80 17.33
C ALA C 264 -4.19 -27.60 18.05
N LEU C 265 -4.83 -26.45 17.96
CA LEU C 265 -4.35 -25.15 18.50
C LEU C 265 -4.47 -25.14 20.02
N PHE C 266 -5.63 -25.51 20.55
CA PHE C 266 -5.97 -25.37 21.99
C PHE C 266 -5.54 -26.61 22.77
N ASP C 267 -5.70 -27.82 22.21
CA ASP C 267 -5.55 -29.10 22.97
C ASP C 267 -4.38 -29.95 22.45
N ARG C 268 -3.67 -29.52 21.40
CA ARG C 268 -2.53 -30.29 20.80
C ARG C 268 -3.03 -31.67 20.30
N VAL C 269 -4.27 -31.74 19.77
CA VAL C 269 -4.87 -32.98 19.21
C VAL C 269 -4.73 -32.93 17.68
N TYR C 270 -3.89 -33.80 17.10
CA TYR C 270 -3.67 -33.96 15.64
C TYR C 270 -4.22 -35.31 15.18
N THR C 271 -5.17 -35.27 14.24
CA THR C 271 -5.81 -36.45 13.62
C THR C 271 -5.92 -36.19 12.13
N HIS C 272 -6.46 -37.12 11.35
CA HIS C 272 -6.76 -36.87 9.93
C HIS C 272 -7.81 -35.74 9.88
N GLN C 273 -8.66 -35.64 10.90
CA GLN C 273 -9.76 -34.65 10.96
C GLN C 273 -9.18 -33.24 11.19
N SER C 274 -8.01 -33.09 11.83
CA SER C 274 -7.32 -31.78 11.92
C SER C 274 -6.76 -31.42 10.54
N ASP C 275 -6.29 -32.40 9.75
CA ASP C 275 -5.84 -32.17 8.35
C ASP C 275 -7.05 -31.74 7.51
N VAL C 276 -8.23 -32.29 7.77
CA VAL C 276 -9.46 -31.96 7.00
C VAL C 276 -9.79 -30.48 7.19
N TRP C 277 -9.66 -29.96 8.42
CA TRP C 277 -9.83 -28.52 8.72
C TRP C 277 -8.90 -27.73 7.79
N SER C 278 -7.62 -28.09 7.81
CA SER C 278 -6.58 -27.46 6.95
C SER C 278 -7.01 -27.52 5.48
N PHE C 279 -7.55 -28.65 5.03
CA PHE C 279 -8.02 -28.82 3.63
C PHE C 279 -9.08 -27.77 3.32
N GLY C 280 -9.96 -27.48 4.28
CA GLY C 280 -11.01 -26.45 4.14
C GLY C 280 -10.39 -25.08 3.89
N VAL C 281 -9.31 -24.77 4.59
CA VAL C 281 -8.57 -23.49 4.41
C VAL C 281 -7.89 -23.52 3.03
N LEU C 282 -7.37 -24.67 2.62
CA LEU C 282 -6.78 -24.88 1.28
C LEU C 282 -7.84 -24.63 0.21
N MET C 283 -9.04 -25.18 0.39
CA MET C 283 -10.18 -24.92 -0.52
C MET C 283 -10.42 -23.42 -0.62
N TRP C 284 -10.53 -22.74 0.52
CA TRP C 284 -10.76 -21.27 0.58
C TRP C 284 -9.65 -20.56 -0.21
N GLU C 285 -8.39 -20.98 -0.02
CA GLU C 285 -7.22 -20.39 -0.75
C GLU C 285 -7.43 -20.57 -2.26
N ILE C 286 -7.90 -21.76 -2.67
CA ILE C 286 -8.04 -22.10 -4.12
C ILE C 286 -9.10 -21.20 -4.75
N PHE C 287 -10.28 -21.08 -4.11
CA PHE C 287 -11.47 -20.43 -4.70
C PHE C 287 -11.40 -18.91 -4.53
N THR C 288 -10.43 -18.39 -3.75
CA THR C 288 -10.08 -16.93 -3.74
C THR C 288 -8.94 -16.67 -4.72
N LEU C 289 -8.52 -17.66 -5.51
CA LEU C 289 -7.41 -17.53 -6.49
C LEU C 289 -6.14 -17.08 -5.77
N GLY C 290 -5.85 -17.71 -4.62
CA GLY C 290 -4.64 -17.48 -3.82
C GLY C 290 -4.81 -16.33 -2.83
N GLY C 291 -5.98 -16.18 -2.26
CA GLY C 291 -6.19 -15.22 -1.16
C GLY C 291 -5.51 -15.69 0.12
N SER C 292 -5.31 -14.76 1.05
CA SER C 292 -4.76 -15.01 2.40
C SER C 292 -5.91 -15.24 3.39
N PRO C 293 -5.91 -16.35 4.15
CA PRO C 293 -7.01 -16.63 5.08
C PRO C 293 -7.13 -15.60 6.20
N TYR C 294 -8.34 -15.50 6.77
CA TYR C 294 -8.73 -14.55 7.84
C TYR C 294 -8.16 -13.18 7.48
N PRO C 295 -8.49 -12.65 6.29
CA PRO C 295 -7.94 -11.38 5.82
C PRO C 295 -8.17 -10.26 6.86
N GLY C 296 -7.10 -9.54 7.21
CA GLY C 296 -7.14 -8.40 8.15
C GLY C 296 -7.14 -8.83 9.60
N ILE C 297 -7.17 -10.13 9.90
CA ILE C 297 -7.16 -10.67 11.29
C ILE C 297 -5.75 -11.16 11.62
N PRO C 298 -5.02 -10.48 12.52
CA PRO C 298 -3.70 -10.96 12.92
C PRO C 298 -3.84 -12.24 13.74
N VAL C 299 -2.89 -13.15 13.60
CA VAL C 299 -2.79 -14.42 14.39
C VAL C 299 -3.12 -14.13 15.87
N GLU C 300 -2.61 -13.03 16.40
CA GLU C 300 -2.75 -12.66 17.83
C GLU C 300 -4.23 -12.70 18.23
N GLU C 301 -5.14 -12.29 17.35
CA GLU C 301 -6.59 -12.12 17.66
C GLU C 301 -7.41 -13.31 17.13
N LEU C 302 -6.80 -14.20 16.34
CA LEU C 302 -7.53 -15.37 15.77
C LEU C 302 -7.85 -16.35 16.90
N PHE C 303 -6.93 -16.52 17.86
CA PHE C 303 -7.08 -17.40 19.05
C PHE C 303 -8.48 -17.19 19.62
N LYS C 304 -8.78 -15.95 20.02
CA LYS C 304 -10.05 -15.55 20.67
C LYS C 304 -11.22 -15.78 19.70
N LEU C 305 -11.08 -15.40 18.42
CA LEU C 305 -12.17 -15.48 17.41
C LEU C 305 -12.55 -16.95 17.13
N LEU C 306 -11.57 -17.86 17.05
CA LEU C 306 -11.83 -19.31 16.83
C LEU C 306 -12.64 -19.88 18.00
N LYS C 307 -12.31 -19.53 19.25
CA LYS C 307 -13.05 -20.00 20.45
C LYS C 307 -14.51 -19.56 20.37
N GLU C 308 -14.81 -18.43 19.73
CA GLU C 308 -16.17 -17.88 19.59
C GLU C 308 -16.83 -18.37 18.29
N GLY C 309 -16.22 -19.32 17.59
CA GLY C 309 -16.80 -19.98 16.41
C GLY C 309 -16.70 -19.16 15.12
N HIS C 310 -15.76 -18.22 15.02
CA HIS C 310 -15.53 -17.42 13.79
C HIS C 310 -15.17 -18.36 12.64
N ARG C 311 -15.74 -18.11 11.47
CA ARG C 311 -15.48 -18.86 10.21
C ARG C 311 -15.40 -17.88 9.05
N MET C 312 -14.61 -18.20 8.03
CA MET C 312 -14.43 -17.34 6.84
C MET C 312 -15.72 -17.36 6.01
N ASP C 313 -15.96 -16.31 5.22
CA ASP C 313 -17.13 -16.20 4.29
C ASP C 313 -16.78 -16.78 2.92
N LYS C 314 -17.76 -16.83 2.01
CA LYS C 314 -17.68 -17.55 0.71
C LYS C 314 -16.80 -16.77 -0.27
N PRO C 315 -15.78 -17.41 -0.87
CA PRO C 315 -15.01 -16.77 -1.94
C PRO C 315 -15.85 -16.43 -3.17
N ALA C 316 -15.30 -15.59 -4.05
CA ALA C 316 -15.92 -15.13 -5.30
C ALA C 316 -16.17 -16.31 -6.25
N ASN C 317 -15.20 -17.20 -6.41
CA ASN C 317 -15.20 -18.21 -7.51
C ASN C 317 -15.88 -19.49 -7.02
N CYS C 318 -16.79 -19.39 -6.05
CA CYS C 318 -17.25 -20.55 -5.24
C CYS C 318 -18.78 -20.63 -5.25
N THR C 319 -19.31 -21.84 -5.48
CA THR C 319 -20.76 -22.18 -5.39
C THR C 319 -21.14 -22.30 -3.91
N ASN C 320 -22.43 -22.28 -3.59
CA ASN C 320 -22.93 -22.50 -2.20
C ASN C 320 -22.59 -23.94 -1.80
N GLU C 321 -22.65 -24.87 -2.76
CA GLU C 321 -22.33 -26.32 -2.55
C GLU C 321 -20.90 -26.45 -2.01
N LEU C 322 -19.93 -25.89 -2.73
CA LEU C 322 -18.50 -26.00 -2.38
C LEU C 322 -18.24 -25.22 -1.09
N PHE C 323 -18.96 -24.11 -0.85
CA PHE C 323 -18.81 -23.32 0.39
C PHE C 323 -19.33 -24.12 1.58
N MET C 324 -20.39 -24.89 1.42
CA MET C 324 -20.96 -25.75 2.49
C MET C 324 -19.95 -26.85 2.84
N MET C 325 -19.23 -27.37 1.85
CA MET C 325 -18.14 -28.36 2.02
C MET C 325 -17.01 -27.77 2.87
N MET C 326 -16.57 -26.53 2.59
CA MET C 326 -15.56 -25.82 3.41
C MET C 326 -16.06 -25.72 4.85
N ARG C 327 -17.33 -25.33 5.02
CA ARG C 327 -17.97 -25.13 6.34
C ARG C 327 -18.00 -26.47 7.08
N ASP C 328 -18.27 -27.57 6.37
CA ASP C 328 -18.23 -28.95 6.92
C ASP C 328 -16.81 -29.28 7.36
N CYS C 329 -15.81 -28.95 6.54
CA CYS C 329 -14.38 -29.14 6.87
C CYS C 329 -14.04 -28.40 8.16
N TRP C 330 -14.78 -27.34 8.50
CA TRP C 330 -14.55 -26.48 9.69
C TRP C 330 -15.55 -26.73 10.81
N HIS C 331 -16.22 -27.89 10.84
CA HIS C 331 -17.13 -28.24 11.95
C HIS C 331 -16.34 -28.16 13.26
N ALA C 332 -16.93 -27.60 14.32
CA ALA C 332 -16.33 -27.48 15.66
C ALA C 332 -15.91 -28.87 16.17
N VAL C 333 -16.76 -29.87 15.96
CA VAL C 333 -16.53 -31.28 16.39
C VAL C 333 -15.79 -32.01 15.27
N PRO C 334 -14.53 -32.44 15.47
CA PRO C 334 -13.73 -33.10 14.44
C PRO C 334 -14.37 -34.31 13.74
N SER C 335 -15.02 -35.20 14.50
CA SER C 335 -15.67 -36.44 13.98
C SER C 335 -16.88 -36.08 13.10
N GLN C 336 -17.40 -34.87 13.21
CA GLN C 336 -18.56 -34.37 12.41
C GLN C 336 -18.04 -33.77 11.08
N ARG C 337 -16.73 -33.54 10.95
CA ARG C 337 -16.13 -33.10 9.67
C ARG C 337 -16.12 -34.29 8.73
N PRO C 338 -16.20 -34.07 7.40
CA PRO C 338 -16.09 -35.16 6.44
C PRO C 338 -14.71 -35.82 6.58
N THR C 339 -14.63 -37.09 6.19
CA THR C 339 -13.35 -37.79 5.95
C THR C 339 -12.89 -37.36 4.55
N PHE C 340 -11.61 -37.51 4.27
CA PHE C 340 -11.02 -37.29 2.92
C PHE C 340 -11.75 -38.18 1.92
N LYS C 341 -11.99 -39.44 2.27
CA LYS C 341 -12.75 -40.40 1.44
C LYS C 341 -14.07 -39.77 0.97
N GLN C 342 -14.84 -39.17 1.89
CA GLN C 342 -16.15 -38.52 1.59
C GLN C 342 -15.91 -37.29 0.70
N LEU C 343 -14.83 -36.55 0.95
CA LEU C 343 -14.46 -35.35 0.16
C LEU C 343 -14.12 -35.76 -1.28
N VAL C 344 -13.42 -36.88 -1.47
CA VAL C 344 -13.05 -37.36 -2.83
C VAL C 344 -14.33 -37.70 -3.59
N GLU C 345 -15.23 -38.45 -2.97
CA GLU C 345 -16.50 -38.89 -3.63
C GLU C 345 -17.34 -37.65 -3.96
N ASP C 346 -17.56 -36.75 -3.00
CA ASP C 346 -18.42 -35.55 -3.19
C ASP C 346 -17.84 -34.67 -4.31
N LEU C 347 -16.51 -34.47 -4.34
CA LEU C 347 -15.84 -33.58 -5.32
C LEU C 347 -15.89 -34.22 -6.72
N ASP C 348 -15.68 -35.54 -6.82
CA ASP C 348 -15.78 -36.31 -8.09
C ASP C 348 -17.15 -36.02 -8.72
N ARG C 349 -18.21 -36.16 -7.92
CA ARG C 349 -19.62 -35.97 -8.34
C ARG C 349 -19.79 -34.55 -8.85
N ILE C 350 -19.27 -33.56 -8.12
CA ILE C 350 -19.39 -32.12 -8.51
C ILE C 350 -18.61 -31.90 -9.82
N LEU C 351 -17.42 -32.48 -9.95
CA LEU C 351 -16.57 -32.31 -11.15
C LEU C 351 -17.29 -32.84 -12.39
N THR C 352 -17.92 -34.03 -12.31
CA THR C 352 -18.59 -34.67 -13.47
C THR C 352 -19.89 -33.93 -13.79
N LEU C 353 -20.54 -33.28 -12.81
CA LEU C 353 -21.89 -32.66 -12.97
C LEU C 353 -21.76 -31.15 -13.21
N THR C 354 -20.59 -30.54 -12.98
CA THR C 354 -20.40 -29.08 -13.25
C THR C 354 -19.88 -28.98 -14.68
N THR C 355 -20.73 -28.55 -15.61
CA THR C 355 -20.37 -28.19 -17.01
C THR C 355 -20.21 -26.66 -17.08
N ASN C 356 -18.99 -26.15 -16.85
CA ASN C 356 -18.66 -24.70 -16.90
C ASN C 356 -19.86 -23.92 -16.33
N GLU D 57 -4.41 -10.45 25.94
CA GLU D 57 -3.70 -11.69 25.55
C GLU D 57 -2.31 -11.77 26.21
N LEU D 58 -1.71 -10.64 26.59
CA LEU D 58 -0.45 -10.62 27.38
C LEU D 58 -0.42 -9.40 28.31
N PRO D 59 0.39 -9.42 29.39
CA PRO D 59 0.36 -8.39 30.43
C PRO D 59 0.95 -7.08 29.87
N GLU D 60 0.44 -5.93 30.33
CA GLU D 60 0.99 -4.61 29.95
C GLU D 60 2.08 -4.24 30.94
N ASP D 61 3.22 -3.81 30.41
CA ASP D 61 4.38 -3.25 31.12
C ASP D 61 4.36 -1.75 30.81
N PRO D 62 3.69 -0.92 31.64
CA PRO D 62 3.38 0.45 31.25
C PRO D 62 4.62 1.28 30.86
N LYS D 63 5.78 1.03 31.46
CA LYS D 63 7.02 1.80 31.18
C LYS D 63 7.53 1.55 29.75
N TRP D 64 7.18 0.42 29.13
CA TRP D 64 7.64 0.05 27.77
C TRP D 64 6.52 0.22 26.73
N GLU D 65 5.26 0.35 27.17
CA GLU D 65 4.10 0.44 26.25
C GLU D 65 4.20 1.75 25.47
N PHE D 66 4.05 1.69 24.15
CA PHE D 66 3.96 2.87 23.24
C PHE D 66 2.58 2.86 22.61
N PRO D 67 1.86 4.01 22.55
CA PRO D 67 0.52 4.03 21.99
C PRO D 67 0.54 3.86 20.46
N ARG D 68 -0.37 3.05 19.92
CA ARG D 68 -0.42 2.66 18.49
C ARG D 68 -0.64 3.88 17.59
N ASP D 69 -1.37 4.89 18.08
CA ASP D 69 -1.78 6.09 17.31
C ASP D 69 -0.58 7.03 17.09
N LYS D 70 0.51 6.84 17.84
CA LYS D 70 1.77 7.62 17.70
C LYS D 70 2.74 6.90 16.75
N LEU D 71 2.40 5.69 16.28
CA LEU D 71 3.27 4.82 15.44
C LEU D 71 2.69 4.73 14.03
N THR D 72 3.42 5.21 13.03
CA THR D 72 3.04 5.14 11.59
C THR D 72 3.93 4.11 10.89
N LEU D 73 3.39 2.92 10.61
CA LEU D 73 4.14 1.85 9.91
C LEU D 73 4.42 2.33 8.48
N GLY D 74 5.63 2.06 7.98
CA GLY D 74 6.08 2.45 6.64
C GLY D 74 6.60 1.25 5.87
N LYS D 75 7.74 1.41 5.21
CA LYS D 75 8.27 0.43 4.22
C LYS D 75 8.74 -0.81 4.97
N PRO D 76 8.42 -2.03 4.47
CA PRO D 76 8.99 -3.26 5.03
C PRO D 76 10.49 -3.31 4.74
N LEU D 77 11.28 -3.78 5.71
CA LEU D 77 12.76 -3.80 5.64
C LEU D 77 13.26 -5.21 5.30
N GLY D 78 12.37 -6.08 4.85
CA GLY D 78 12.68 -7.48 4.53
C GLY D 78 11.83 -8.46 5.33
N GLU D 79 11.19 -9.39 4.62
CA GLU D 79 10.38 -10.48 5.21
C GLU D 79 11.34 -11.51 5.81
N GLY D 80 11.23 -11.75 7.12
CA GLY D 80 12.03 -12.75 7.84
C GLY D 80 11.41 -14.14 7.73
N CYS D 81 11.90 -15.07 8.54
CA CYS D 81 11.44 -16.48 8.57
C CYS D 81 10.37 -16.67 9.65
N PHE D 82 10.54 -16.00 10.80
CA PHE D 82 9.70 -16.12 12.01
C PHE D 82 9.00 -14.79 12.32
N GLY D 83 9.22 -13.78 11.46
CA GLY D 83 8.58 -12.46 11.60
C GLY D 83 8.97 -11.51 10.47
N GLN D 84 8.49 -10.26 10.56
CA GLN D 84 8.74 -9.20 9.55
C GLN D 84 9.20 -7.95 10.31
N VAL D 85 10.06 -7.17 9.68
CA VAL D 85 10.53 -5.86 10.23
C VAL D 85 10.05 -4.76 9.29
N VAL D 86 9.48 -3.69 9.85
CA VAL D 86 9.02 -2.52 9.05
C VAL D 86 9.62 -1.25 9.66
N MET D 87 10.10 -0.36 8.80
CA MET D 87 10.36 1.07 9.12
C MET D 87 9.06 1.68 9.64
N ALA D 88 9.16 2.58 10.63
CA ALA D 88 8.00 3.31 11.18
C ALA D 88 8.46 4.68 11.69
N GLU D 89 7.51 5.60 11.84
CA GLU D 89 7.73 6.90 12.52
C GLU D 89 7.02 6.82 13.87
N ALA D 90 7.77 6.98 14.96
CA ALA D 90 7.26 7.04 16.35
C ALA D 90 7.42 8.47 16.87
N VAL D 91 6.32 9.15 17.20
CA VAL D 91 6.35 10.53 17.76
C VAL D 91 6.27 10.38 19.30
N GLY D 92 7.18 11.00 20.02
CA GLY D 92 7.18 10.95 21.49
C GLY D 92 7.82 9.69 22.05
N ILE D 93 8.38 8.81 21.22
CA ILE D 93 9.14 7.61 21.69
C ILE D 93 10.29 8.09 22.58
N ASP D 94 10.96 9.18 22.19
CA ASP D 94 11.94 9.91 23.03
C ASP D 94 11.15 10.81 23.99
N LYS D 95 11.08 10.44 25.27
CA LYS D 95 10.25 11.14 26.30
C LYS D 95 10.72 12.59 26.48
N ASP D 96 12.04 12.83 26.39
CA ASP D 96 12.64 14.19 26.41
C ASP D 96 12.03 15.05 25.30
N LYS D 97 11.76 14.45 24.12
CA LYS D 97 11.31 15.16 22.89
C LYS D 97 9.94 14.62 22.47
N PRO D 98 8.85 14.93 23.20
CA PRO D 98 7.52 14.44 22.84
C PRO D 98 7.02 14.77 21.43
N LYS D 99 7.32 15.95 20.87
CA LYS D 99 6.73 16.42 19.58
C LYS D 99 7.44 15.76 18.39
N GLU D 100 8.50 15.00 18.64
CA GLU D 100 9.55 14.66 17.64
C GLU D 100 9.38 13.22 17.16
N ALA D 101 9.16 13.07 15.85
CA ALA D 101 9.05 11.78 15.11
C ALA D 101 10.44 11.16 14.92
N VAL D 102 10.69 10.04 15.59
CA VAL D 102 11.93 9.22 15.45
C VAL D 102 11.64 8.08 14.47
N THR D 103 12.50 7.89 13.48
CA THR D 103 12.45 6.71 12.57
C THR D 103 12.91 5.48 13.36
N VAL D 104 12.10 4.42 13.38
CA VAL D 104 12.33 3.20 14.19
C VAL D 104 12.12 1.97 13.32
N ALA D 105 12.54 0.80 13.83
CA ALA D 105 12.23 -0.51 13.23
C ALA D 105 11.21 -1.21 14.12
N VAL D 106 10.24 -1.89 13.53
CA VAL D 106 9.16 -2.61 14.27
C VAL D 106 9.20 -4.08 13.86
N LYS D 107 9.52 -4.97 14.80
CA LYS D 107 9.44 -6.44 14.62
C LYS D 107 8.00 -6.85 14.94
N MET D 108 7.38 -7.63 14.06
CA MET D 108 5.99 -8.12 14.23
C MET D 108 5.87 -9.50 13.59
N LEU D 109 4.74 -10.17 13.84
CA LEU D 109 4.46 -11.49 13.24
C LEU D 109 4.05 -11.28 11.77
N LYS D 110 4.26 -12.32 10.95
CA LYS D 110 3.71 -12.44 9.58
C LYS D 110 2.34 -13.13 9.63
N ASP D 111 1.68 -13.19 8.48
CA ASP D 111 0.31 -13.76 8.35
C ASP D 111 0.34 -15.26 8.65
N ASP D 112 1.44 -15.93 8.32
CA ASP D 112 1.57 -17.40 8.43
C ASP D 112 2.33 -17.75 9.71
N ALA D 113 2.32 -16.86 10.69
CA ALA D 113 3.04 -16.99 11.98
C ALA D 113 2.55 -18.22 12.74
N THR D 114 3.50 -18.90 13.39
CA THR D 114 3.26 -20.05 14.29
C THR D 114 3.12 -19.56 15.73
N GLU D 115 2.57 -20.41 16.60
CA GLU D 115 2.49 -20.15 18.06
C GLU D 115 3.89 -19.84 18.59
N LYS D 116 4.88 -20.66 18.21
CA LYS D 116 6.28 -20.49 18.66
C LYS D 116 6.82 -19.13 18.19
N ASP D 117 6.43 -18.64 17.00
CA ASP D 117 6.88 -17.31 16.47
C ASP D 117 6.43 -16.22 17.46
N LEU D 118 5.22 -16.29 17.98
CA LEU D 118 4.70 -15.30 18.96
C LEU D 118 5.46 -15.40 20.30
N SER D 119 5.59 -16.62 20.86
CA SER D 119 6.43 -16.94 22.05
C SER D 119 7.80 -16.27 21.92
N ASP D 120 8.51 -16.60 20.83
CA ASP D 120 9.90 -16.17 20.58
C ASP D 120 9.97 -14.64 20.51
N LEU D 121 8.96 -13.99 19.91
CA LEU D 121 8.98 -12.51 19.76
C LEU D 121 8.75 -11.90 21.15
N VAL D 122 7.88 -12.46 21.97
CA VAL D 122 7.67 -11.97 23.37
C VAL D 122 8.99 -12.16 24.15
N SER D 123 9.60 -13.34 24.09
CA SER D 123 10.86 -13.63 24.83
C SER D 123 11.95 -12.63 24.41
N GLU D 124 12.03 -12.33 23.11
CA GLU D 124 13.04 -11.41 22.52
C GLU D 124 12.80 -10.02 23.13
N MET D 125 11.55 -9.58 23.18
CA MET D 125 11.16 -8.29 23.81
C MET D 125 11.64 -8.28 25.27
N GLU D 126 11.34 -9.32 26.05
CA GLU D 126 11.69 -9.41 27.49
C GLU D 126 13.22 -9.40 27.65
N MET D 127 13.95 -10.15 26.83
CA MET D 127 15.43 -10.20 26.89
C MET D 127 15.99 -8.78 26.66
N MET D 128 15.44 -8.04 25.69
CA MET D 128 15.92 -6.69 25.34
C MET D 128 15.62 -5.71 26.48
N LYS D 129 14.53 -5.90 27.25
CA LYS D 129 14.25 -5.08 28.46
C LYS D 129 15.42 -5.22 29.45
N MET D 130 15.92 -6.43 29.67
CA MET D 130 16.98 -6.74 30.66
C MET D 130 18.30 -6.06 30.29
N ILE D 131 18.61 -5.91 29.00
CA ILE D 131 19.90 -5.34 28.49
C ILE D 131 19.87 -3.81 28.62
N GLY D 132 20.88 -3.21 29.27
CA GLY D 132 20.94 -1.73 29.38
C GLY D 132 21.15 -1.09 28.02
N LYS D 133 21.08 0.25 27.96
CA LYS D 133 21.40 1.07 26.75
C LYS D 133 22.89 0.94 26.46
N HIS D 134 23.29 0.80 25.19
CA HIS D 134 24.69 0.91 24.73
C HIS D 134 24.74 1.28 23.23
N LYS D 135 25.74 2.08 22.87
CA LYS D 135 25.98 2.64 21.52
C LYS D 135 26.13 1.53 20.48
N ASN D 136 26.62 0.34 20.85
CA ASN D 136 26.98 -0.75 19.91
C ASN D 136 26.00 -1.93 20.07
N ILE D 137 24.82 -1.70 20.66
CA ILE D 137 23.70 -2.68 20.65
C ILE D 137 22.44 -1.99 20.12
N ILE D 138 21.66 -2.72 19.33
CA ILE D 138 20.24 -2.35 19.01
C ILE D 138 19.46 -2.41 20.33
N ASN D 139 18.90 -1.30 20.76
CA ASN D 139 18.18 -1.19 22.05
C ASN D 139 16.67 -1.21 21.81
N LEU D 140 15.93 -1.82 22.73
CA LEU D 140 14.44 -1.73 22.79
C LEU D 140 14.06 -0.27 23.05
N LEU D 141 13.16 0.31 22.25
CA LEU D 141 12.61 1.67 22.43
C LEU D 141 11.19 1.61 23.01
N GLY D 142 10.45 0.54 22.73
CA GLY D 142 9.05 0.41 23.16
C GLY D 142 8.35 -0.79 22.54
N ALA D 143 7.09 -1.00 22.90
CA ALA D 143 6.25 -2.14 22.45
C ALA D 143 4.78 -1.75 22.44
N CYS D 144 4.04 -2.21 21.43
CA CYS D 144 2.55 -2.21 21.41
C CYS D 144 2.09 -3.64 21.63
N THR D 145 1.50 -3.92 22.79
CA THR D 145 1.20 -5.29 23.28
C THR D 145 -0.31 -5.48 23.55
N GLN D 146 -1.13 -4.44 23.39
CA GLN D 146 -2.53 -4.42 23.84
C GLN D 146 -3.47 -4.18 22.66
N ASP D 147 -4.61 -4.88 22.66
CA ASP D 147 -5.73 -4.69 21.69
C ASP D 147 -5.17 -4.62 20.27
N GLY D 148 -4.30 -5.58 19.89
CA GLY D 148 -3.76 -5.64 18.53
C GLY D 148 -2.53 -6.55 18.42
N PRO D 149 -1.91 -6.62 17.22
CA PRO D 149 -0.74 -7.45 17.01
C PRO D 149 0.43 -6.92 17.85
N LEU D 150 1.35 -7.81 18.25
CA LEU D 150 2.55 -7.43 19.01
C LEU D 150 3.50 -6.67 18.08
N PHE D 151 3.83 -5.43 18.46
CA PHE D 151 4.89 -4.60 17.85
C PHE D 151 6.05 -4.46 18.85
N VAL D 152 7.24 -4.89 18.45
CA VAL D 152 8.48 -4.67 19.25
C VAL D 152 9.30 -3.60 18.53
N ILE D 153 9.41 -2.42 19.14
CA ILE D 153 10.00 -1.20 18.51
C ILE D 153 11.47 -1.11 18.92
N VAL D 154 12.37 -1.06 17.94
CA VAL D 154 13.85 -1.05 18.15
C VAL D 154 14.49 0.09 17.32
N GLU D 155 15.75 0.42 17.61
CA GLU D 155 16.54 1.46 16.89
C GLU D 155 16.66 1.08 15.41
N PHE D 156 16.32 1.99 14.49
CA PHE D 156 16.51 1.83 13.02
C PHE D 156 18.00 1.89 12.73
N ALA D 157 18.52 0.94 11.97
CA ALA D 157 19.88 1.02 11.36
C ALA D 157 19.74 1.12 9.83
N SER D 158 19.91 2.32 9.29
CA SER D 158 19.59 2.66 7.87
C SER D 158 20.40 1.82 6.88
N LYS D 159 21.60 1.34 7.21
CA LYS D 159 22.53 0.71 6.22
C LYS D 159 22.46 -0.82 6.29
N GLY D 160 21.57 -1.39 7.09
CA GLY D 160 21.27 -2.84 7.14
C GLY D 160 22.41 -3.66 7.72
N ASN D 161 22.40 -4.97 7.47
CA ASN D 161 23.29 -5.91 8.18
C ASN D 161 24.70 -5.80 7.60
N LEU D 162 25.68 -6.18 8.43
CA LEU D 162 27.13 -5.97 8.18
C LEU D 162 27.59 -6.88 7.05
N ARG D 163 27.06 -8.12 6.97
CA ARG D 163 27.40 -9.06 5.88
C ARG D 163 27.18 -8.34 4.54
N GLU D 164 25.98 -7.80 4.31
CA GLU D 164 25.61 -7.19 3.00
C GLU D 164 26.42 -5.91 2.80
N PHE D 165 26.61 -5.15 3.88
CA PHE D 165 27.35 -3.87 3.89
C PHE D 165 28.78 -4.09 3.39
N LEU D 166 29.48 -5.06 3.99
CA LEU D 166 30.86 -5.43 3.59
C LEU D 166 30.85 -5.93 2.14
N ARG D 167 29.95 -6.84 1.78
CA ARG D 167 29.92 -7.47 0.44
C ARG D 167 29.72 -6.36 -0.61
N ALA D 168 28.86 -5.38 -0.32
CA ALA D 168 28.53 -4.28 -1.25
C ALA D 168 29.76 -3.41 -1.52
N ARG D 169 30.72 -3.37 -0.59
CA ARG D 169 31.90 -2.46 -0.63
C ARG D 169 33.16 -3.24 -1.00
N ARG D 170 33.01 -4.45 -1.53
CA ARG D 170 34.15 -5.29 -1.99
C ARG D 170 34.80 -4.66 -3.22
N PRO D 171 36.14 -4.69 -3.34
CA PRO D 171 36.79 -4.32 -4.59
C PRO D 171 36.39 -5.29 -5.70
N PRO D 172 36.55 -4.90 -6.98
CA PRO D 172 36.04 -5.69 -8.10
C PRO D 172 36.89 -6.92 -8.39
N GLN D 187 34.34 2.09 -0.28
CA GLN D 187 35.06 0.83 0.02
C GLN D 187 35.97 1.01 1.25
N MET D 188 36.21 -0.08 1.98
CA MET D 188 36.66 -0.13 3.37
C MET D 188 38.19 -0.15 3.44
N THR D 189 38.79 0.66 4.31
CA THR D 189 40.25 0.59 4.66
C THR D 189 40.45 -0.50 5.71
N PHE D 190 41.70 -0.91 5.92
CA PHE D 190 42.09 -1.84 7.01
C PHE D 190 41.66 -1.23 8.35
N LYS D 191 41.85 0.08 8.51
CA LYS D 191 41.50 0.81 9.77
C LYS D 191 39.99 0.69 10.00
N ASP D 192 39.19 0.81 8.95
CA ASP D 192 37.70 0.70 9.02
C ASP D 192 37.31 -0.68 9.57
N LEU D 193 37.94 -1.75 9.07
CA LEU D 193 37.64 -3.15 9.47
C LEU D 193 38.04 -3.36 10.94
N VAL D 194 39.13 -2.73 11.38
CA VAL D 194 39.59 -2.81 12.80
C VAL D 194 38.62 -2.01 13.66
N SER D 195 38.23 -0.81 13.24
CA SER D 195 37.21 0.04 13.92
C SER D 195 35.93 -0.79 14.10
N CYS D 196 35.51 -1.46 13.05
CA CYS D 196 34.33 -2.35 13.03
C CYS D 196 34.49 -3.37 14.16
N THR D 197 35.61 -4.08 14.17
CA THR D 197 35.88 -5.20 15.10
C THR D 197 35.86 -4.67 16.53
N PHE D 198 36.57 -3.56 16.77
CA PHE D 198 36.70 -2.88 18.07
C PHE D 198 35.30 -2.54 18.61
N GLN D 199 34.49 -1.87 17.79
CA GLN D 199 33.13 -1.43 18.17
C GLN D 199 32.31 -2.65 18.63
N LEU D 200 32.42 -3.74 17.89
CA LEU D 200 31.61 -4.96 18.16
C LEU D 200 32.15 -5.64 19.42
N ALA D 201 33.47 -5.64 19.62
CA ALA D 201 34.11 -6.12 20.87
C ALA D 201 33.55 -5.34 22.06
N ARG D 202 33.38 -4.02 21.93
CA ARG D 202 32.84 -3.15 23.00
C ARG D 202 31.37 -3.55 23.26
N GLY D 203 30.60 -3.77 22.20
CA GLY D 203 29.21 -4.24 22.31
C GLY D 203 29.12 -5.51 23.14
N MET D 204 29.98 -6.49 22.84
CA MET D 204 29.96 -7.82 23.50
C MET D 204 30.52 -7.72 24.93
N GLU D 205 31.52 -6.89 25.17
CA GLU D 205 32.01 -6.63 26.55
C GLU D 205 30.83 -6.14 27.39
N PHE D 206 30.01 -5.24 26.83
CA PHE D 206 28.83 -4.66 27.52
C PHE D 206 27.80 -5.76 27.80
N LEU D 207 27.51 -6.59 26.79
CA LEU D 207 26.51 -7.69 26.91
C LEU D 207 26.98 -8.67 27.99
N ALA D 208 28.22 -9.13 27.93
CA ALA D 208 28.80 -10.06 28.91
C ALA D 208 28.58 -9.49 30.31
N SER D 209 28.83 -8.19 30.50
CA SER D 209 28.71 -7.47 31.79
C SER D 209 27.23 -7.43 32.25
N GLN D 210 26.28 -7.51 31.31
CA GLN D 210 24.82 -7.56 31.60
C GLN D 210 24.35 -9.00 31.77
N LYS D 211 25.28 -9.95 31.92
CA LYS D 211 24.97 -11.39 32.14
C LYS D 211 24.24 -11.98 30.92
N CYS D 212 24.44 -11.41 29.74
CA CYS D 212 23.77 -11.82 28.48
C CYS D 212 24.71 -12.63 27.58
N ILE D 213 24.31 -13.86 27.23
CA ILE D 213 24.94 -14.64 26.13
C ILE D 213 24.07 -14.46 24.88
N HIS D 214 24.65 -13.96 23.80
CA HIS D 214 23.94 -13.69 22.52
C HIS D 214 23.61 -15.02 21.84
N ARG D 215 24.59 -15.92 21.76
CA ARG D 215 24.51 -17.30 21.20
C ARG D 215 24.47 -17.30 19.67
N ASP D 216 24.22 -16.16 19.03
CA ASP D 216 24.03 -16.09 17.56
C ASP D 216 24.80 -14.89 16.99
N LEU D 217 26.00 -14.66 17.50
CA LEU D 217 26.86 -13.56 17.04
C LEU D 217 27.37 -13.92 15.64
N ALA D 218 27.13 -13.05 14.67
CA ALA D 218 27.50 -13.25 13.25
C ALA D 218 27.25 -11.94 12.49
N ALA D 219 27.90 -11.79 11.34
CA ALA D 219 27.89 -10.55 10.54
C ALA D 219 26.44 -10.21 10.18
N ARG D 220 25.61 -11.21 9.90
CA ARG D 220 24.19 -11.03 9.48
C ARG D 220 23.36 -10.51 10.66
N ASN D 221 23.83 -10.65 11.90
CA ASN D 221 23.12 -10.19 13.13
C ASN D 221 23.80 -8.91 13.66
N VAL D 222 24.59 -8.23 12.84
CA VAL D 222 25.13 -6.88 13.14
C VAL D 222 24.52 -5.89 12.17
N LEU D 223 24.04 -4.76 12.66
CA LEU D 223 23.41 -3.72 11.81
C LEU D 223 24.30 -2.49 11.82
N VAL D 224 24.30 -1.73 10.72
CA VAL D 224 25.11 -0.51 10.50
C VAL D 224 24.17 0.68 10.38
N THR D 225 24.35 1.71 11.22
CA THR D 225 23.51 2.93 11.25
C THR D 225 23.94 3.90 10.14
N GLU D 226 23.17 4.97 9.94
CA GLU D 226 23.48 6.08 9.00
C GLU D 226 24.88 6.62 9.29
N ASN D 227 25.35 6.52 10.53
CA ASN D 227 26.64 7.10 10.99
C ASN D 227 27.72 6.01 11.07
N ASN D 228 27.49 4.84 10.46
CA ASN D 228 28.47 3.72 10.37
C ASN D 228 28.83 3.19 11.77
N VAL D 229 27.92 3.36 12.74
CA VAL D 229 28.01 2.72 14.08
C VAL D 229 27.61 1.26 13.92
N MET D 230 28.43 0.33 14.40
CA MET D 230 28.13 -1.13 14.42
C MET D 230 27.22 -1.43 15.62
N LYS D 231 26.12 -2.13 15.39
CA LYS D 231 25.12 -2.47 16.44
C LYS D 231 24.80 -3.96 16.40
N ILE D 232 25.10 -4.66 17.48
CA ILE D 232 24.70 -6.08 17.70
C ILE D 232 23.17 -6.12 17.77
N ALA D 233 22.54 -7.06 17.06
CA ALA D 233 21.08 -7.16 16.85
C ALA D 233 20.61 -8.61 17.00
N ASP D 234 19.31 -8.86 16.82
CA ASP D 234 18.70 -10.21 16.82
C ASP D 234 18.97 -10.91 18.17
N PHE D 235 18.29 -10.46 19.23
CA PHE D 235 18.42 -11.05 20.57
C PHE D 235 17.44 -12.21 20.77
N GLY D 236 16.87 -12.76 19.69
CA GLY D 236 15.89 -13.85 19.75
C GLY D 236 16.41 -15.09 20.46
N LEU D 237 17.70 -15.36 20.33
CA LEU D 237 18.33 -16.59 20.87
C LEU D 237 19.15 -16.26 22.11
N ALA D 238 19.21 -14.98 22.50
CA ALA D 238 20.01 -14.53 23.67
C ALA D 238 19.36 -15.03 24.96
N ARG D 239 20.18 -15.46 25.93
CA ARG D 239 19.72 -15.97 27.25
C ARG D 239 20.52 -15.28 28.35
N ASP D 240 19.88 -15.04 29.49
CA ASP D 240 20.54 -14.67 30.77
C ASP D 240 21.33 -15.89 31.28
N ILE D 241 22.62 -15.75 31.57
CA ILE D 241 23.46 -16.86 32.11
C ILE D 241 22.83 -17.35 33.42
N ASN D 242 22.11 -16.48 34.13
CA ASN D 242 21.49 -16.76 35.46
C ASN D 242 20.05 -17.25 35.31
N ASN D 243 19.81 -18.55 35.53
CA ASN D 243 18.49 -19.24 35.35
C ASN D 243 17.63 -19.09 36.61
N GLY D 253 20.74 -27.45 18.93
CA GLY D 253 19.62 -26.48 19.07
C GLY D 253 19.34 -25.75 17.77
N ARG D 254 19.07 -24.44 17.87
CA ARG D 254 18.64 -23.58 16.74
C ARG D 254 19.71 -22.52 16.47
N LEU D 255 20.99 -22.86 16.63
CA LEU D 255 22.12 -21.92 16.42
C LEU D 255 22.89 -22.36 15.20
N PRO D 256 23.16 -21.47 14.22
CA PRO D 256 23.94 -21.85 13.04
C PRO D 256 25.28 -22.49 13.41
N VAL D 257 25.51 -23.73 12.95
CA VAL D 257 26.62 -24.62 13.42
C VAL D 257 27.97 -23.96 13.15
N LYS D 258 28.11 -23.24 12.03
CA LYS D 258 29.40 -22.68 11.56
C LYS D 258 29.87 -21.55 12.49
N TRP D 259 29.00 -21.06 13.37
CA TRP D 259 29.34 -19.98 14.34
C TRP D 259 29.40 -20.52 15.78
N MET D 260 29.16 -21.81 15.99
CA MET D 260 29.02 -22.40 17.35
C MET D 260 30.38 -22.87 17.86
N ALA D 261 30.69 -22.52 19.11
CA ALA D 261 31.82 -23.08 19.89
C ALA D 261 31.66 -24.59 19.97
N PRO D 262 32.77 -25.37 19.91
CA PRO D 262 32.68 -26.83 20.03
C PRO D 262 31.91 -27.28 21.28
N GLU D 263 32.16 -26.63 22.43
CA GLU D 263 31.51 -27.05 23.70
C GLU D 263 30.00 -26.77 23.61
N ALA D 264 29.59 -25.74 22.87
CA ALA D 264 28.16 -25.40 22.68
C ALA D 264 27.52 -26.46 21.79
N LEU D 265 28.26 -26.89 20.77
CA LEU D 265 27.79 -27.83 19.72
C LEU D 265 27.68 -29.25 20.30
N PHE D 266 28.72 -29.71 20.99
CA PHE D 266 28.86 -31.13 21.44
C PHE D 266 28.22 -31.30 22.82
N ASP D 267 28.36 -30.33 23.73
CA ASP D 267 28.05 -30.51 25.18
C ASP D 267 26.92 -29.57 25.63
N ARG D 268 26.38 -28.71 24.76
CA ARG D 268 25.29 -27.74 25.11
C ARG D 268 25.76 -26.78 26.22
N VAL D 269 27.03 -26.40 26.23
CA VAL D 269 27.62 -25.45 27.24
C VAL D 269 27.72 -24.07 26.59
N TYR D 270 26.91 -23.11 27.08
CA TYR D 270 26.91 -21.68 26.64
C TYR D 270 27.44 -20.79 27.76
N THR D 271 28.50 -20.05 27.45
CA THR D 271 29.25 -19.16 28.37
C THR D 271 29.55 -17.87 27.59
N HIS D 272 30.09 -16.84 28.20
CA HIS D 272 30.60 -15.66 27.44
C HIS D 272 31.72 -16.15 26.52
N GLN D 273 32.43 -17.20 26.93
CA GLN D 273 33.57 -17.79 26.18
C GLN D 273 33.07 -18.48 24.91
N SER D 274 31.84 -19.00 24.87
CA SER D 274 31.23 -19.53 23.63
C SER D 274 30.89 -18.37 22.70
N ASP D 275 30.47 -17.22 23.24
CA ASP D 275 30.26 -15.98 22.44
C ASP D 275 31.61 -15.51 21.85
N VAL D 276 32.70 -15.66 22.60
CA VAL D 276 34.04 -15.22 22.14
C VAL D 276 34.44 -16.05 20.90
N TRP D 277 34.17 -17.36 20.90
CA TRP D 277 34.40 -18.23 19.71
C TRP D 277 33.67 -17.59 18.53
N SER D 278 32.37 -17.33 18.70
CA SER D 278 31.52 -16.70 17.66
C SER D 278 32.16 -15.40 17.19
N PHE D 279 32.68 -14.58 18.12
CA PHE D 279 33.32 -13.29 17.79
C PHE D 279 34.49 -13.54 16.82
N GLY D 280 35.25 -14.62 17.03
CA GLY D 280 36.37 -15.01 16.15
C GLY D 280 35.90 -15.26 14.72
N VAL D 281 34.75 -15.91 14.58
CA VAL D 281 34.12 -16.19 13.26
C VAL D 281 33.65 -14.84 12.68
N LEU D 282 33.09 -13.97 13.52
CA LEU D 282 32.67 -12.60 13.13
C LEU D 282 33.89 -11.83 12.60
N MET D 283 35.02 -11.90 13.29
CA MET D 283 36.30 -11.28 12.84
C MET D 283 36.62 -11.81 11.45
N TRP D 284 36.61 -13.13 11.27
CA TRP D 284 36.92 -13.77 9.97
C TRP D 284 35.96 -13.23 8.90
N GLU D 285 34.68 -13.12 9.22
CA GLU D 285 33.64 -12.57 8.29
C GLU D 285 34.03 -11.14 7.90
N ILE D 286 34.46 -10.33 8.86
CA ILE D 286 34.77 -8.89 8.64
C ILE D 286 35.96 -8.75 7.68
N PHE D 287 37.05 -9.50 7.93
CA PHE D 287 38.34 -9.34 7.21
C PHE D 287 38.31 -10.06 5.85
N THR D 288 37.29 -10.88 5.58
CA THR D 288 37.00 -11.43 4.23
C THR D 288 35.98 -10.54 3.50
N LEU D 289 35.60 -9.40 4.08
CA LEU D 289 34.60 -8.46 3.51
C LEU D 289 33.27 -9.19 3.25
N GLY D 290 32.84 -9.95 4.27
CA GLY D 290 31.55 -10.66 4.28
C GLY D 290 31.64 -12.04 3.67
N GLY D 291 32.77 -12.73 3.82
CA GLY D 291 32.94 -14.10 3.32
C GLY D 291 32.12 -15.07 4.15
N SER D 292 31.86 -16.26 3.60
CA SER D 292 31.15 -17.36 4.30
C SER D 292 32.15 -18.28 5.00
N PRO D 293 32.02 -18.53 6.31
CA PRO D 293 32.97 -19.37 7.03
C PRO D 293 33.01 -20.83 6.53
N TYR D 294 34.14 -21.49 6.80
CA TYR D 294 34.45 -22.87 6.37
C TYR D 294 34.04 -23.03 4.91
N PRO D 295 34.56 -22.16 4.01
CA PRO D 295 34.15 -22.16 2.60
C PRO D 295 34.31 -23.55 1.99
N GLY D 296 33.25 -24.06 1.34
CA GLY D 296 33.26 -25.35 0.62
C GLY D 296 33.11 -26.54 1.56
N ILE D 297 33.02 -26.32 2.87
CA ILE D 297 32.82 -27.39 3.89
C ILE D 297 31.35 -27.40 4.30
N PRO D 298 30.59 -28.46 3.93
CA PRO D 298 29.21 -28.54 4.36
C PRO D 298 29.14 -28.79 5.88
N VAL D 299 28.14 -28.18 6.51
CA VAL D 299 27.81 -28.33 7.96
C VAL D 299 27.95 -29.81 8.34
N GLU D 300 27.46 -30.72 7.48
CA GLU D 300 27.40 -32.17 7.74
C GLU D 300 28.78 -32.67 8.19
N GLU D 301 29.87 -32.16 7.59
CA GLU D 301 31.23 -32.71 7.83
C GLU D 301 32.02 -31.80 8.78
N LEU D 302 31.49 -30.63 9.15
CA LEU D 302 32.19 -29.71 10.09
C LEU D 302 32.25 -30.34 11.49
N PHE D 303 31.18 -31.03 11.91
CA PHE D 303 31.08 -31.75 13.21
C PHE D 303 32.40 -32.50 13.46
N LYS D 304 32.72 -33.41 12.55
CA LYS D 304 33.91 -34.30 12.62
C LYS D 304 35.20 -33.46 12.58
N LEU D 305 35.28 -32.47 11.69
CA LEU D 305 36.50 -31.64 11.50
C LEU D 305 36.80 -30.79 12.75
N LEU D 306 35.78 -30.23 13.41
CA LEU D 306 35.96 -29.44 14.66
C LEU D 306 36.56 -30.34 15.76
N LYS D 307 36.08 -31.58 15.92
CA LYS D 307 36.60 -32.53 16.93
C LYS D 307 38.09 -32.80 16.69
N GLU D 308 38.54 -32.75 15.43
CA GLU D 308 39.94 -33.00 15.02
C GLU D 308 40.75 -31.70 14.97
N GLY D 309 40.20 -30.60 15.50
CA GLY D 309 40.91 -29.32 15.69
C GLY D 309 41.05 -28.48 14.42
N HIS D 310 40.20 -28.69 13.43
CA HIS D 310 40.19 -27.88 12.17
C HIS D 310 39.90 -26.41 12.53
N ARG D 311 40.64 -25.49 11.92
CA ARG D 311 40.46 -24.03 12.08
C ARG D 311 40.60 -23.36 10.71
N MET D 312 39.91 -22.23 10.51
CA MET D 312 39.98 -21.46 9.25
C MET D 312 41.38 -20.84 9.10
N ASP D 313 41.74 -20.51 7.86
CA ASP D 313 43.03 -19.90 7.47
C ASP D 313 42.89 -18.38 7.51
N LYS D 314 44.02 -17.68 7.33
CA LYS D 314 44.11 -16.20 7.46
C LYS D 314 43.48 -15.54 6.23
N PRO D 315 42.52 -14.59 6.39
CA PRO D 315 42.05 -13.80 5.25
C PRO D 315 43.18 -12.96 4.62
N ALA D 316 42.98 -12.48 3.39
CA ALA D 316 43.97 -11.64 2.64
C ALA D 316 44.17 -10.29 3.33
N ASN D 317 43.09 -9.68 3.83
CA ASN D 317 43.06 -8.29 4.34
C ASN D 317 43.47 -8.26 5.83
N CYS D 318 44.18 -9.28 6.30
CA CYS D 318 44.37 -9.57 7.75
C CYS D 318 45.86 -9.66 8.07
N THR D 319 46.27 -8.99 9.16
CA THR D 319 47.64 -9.04 9.72
C THR D 319 47.82 -10.35 10.46
N ASN D 320 49.06 -10.75 10.73
CA ASN D 320 49.35 -11.97 11.53
C ASN D 320 48.82 -11.75 12.95
N GLU D 321 48.92 -10.51 13.46
CA GLU D 321 48.46 -10.11 14.81
C GLU D 321 46.96 -10.42 14.93
N LEU D 322 46.14 -9.89 14.01
CA LEU D 322 44.67 -10.04 14.06
C LEU D 322 44.30 -11.52 13.82
N PHE D 323 45.06 -12.24 12.99
CA PHE D 323 44.79 -13.68 12.74
C PHE D 323 45.09 -14.50 14.00
N MET D 324 46.12 -14.12 14.77
CA MET D 324 46.46 -14.82 16.04
C MET D 324 45.33 -14.59 17.06
N MET D 325 44.72 -13.41 17.06
CA MET D 325 43.54 -13.05 17.89
C MET D 325 42.35 -13.96 17.56
N MET D 326 42.04 -14.15 16.27
CA MET D 326 40.99 -15.10 15.79
C MET D 326 41.30 -16.50 16.35
N ARG D 327 42.55 -16.94 16.21
CA ARG D 327 43.02 -18.28 16.64
C ARG D 327 42.84 -18.41 18.16
N ASP D 328 43.14 -17.34 18.92
CA ASP D 328 42.93 -17.28 20.39
C ASP D 328 41.43 -17.42 20.69
N CYS D 329 40.58 -16.70 19.94
CA CYS D 329 39.11 -16.78 20.07
C CYS D 329 38.65 -18.22 19.86
N TRP D 330 39.40 -19.03 19.11
CA TRP D 330 39.05 -20.43 18.75
C TRP D 330 39.87 -21.45 19.55
N HIS D 331 40.42 -21.09 20.71
CA HIS D 331 41.09 -22.07 21.58
C HIS D 331 40.10 -23.20 21.92
N ALA D 332 40.54 -24.46 21.89
CA ALA D 332 39.72 -25.65 22.23
C ALA D 332 39.12 -25.51 23.63
N VAL D 333 39.93 -25.04 24.57
CA VAL D 333 39.55 -24.87 26.00
C VAL D 333 39.01 -23.44 26.20
N PRO D 334 37.71 -23.31 26.52
CA PRO D 334 37.04 -22.00 26.64
C PRO D 334 37.72 -20.94 27.53
N SER D 335 38.21 -21.34 28.70
CA SER D 335 38.86 -20.45 29.69
C SER D 335 40.20 -19.92 29.14
N GLN D 336 40.76 -20.56 28.11
CA GLN D 336 42.03 -20.13 27.47
C GLN D 336 41.75 -19.15 26.34
N ARG D 337 40.49 -18.97 25.96
CA ARG D 337 40.10 -17.91 24.99
C ARG D 337 40.17 -16.58 25.71
N PRO D 338 40.46 -15.47 25.01
CA PRO D 338 40.42 -14.16 25.62
C PRO D 338 39.02 -13.86 26.15
N THR D 339 38.93 -13.00 27.16
CA THR D 339 37.68 -12.33 27.58
C THR D 339 37.40 -11.20 26.59
N PHE D 340 36.15 -10.77 26.47
CA PHE D 340 35.77 -9.58 25.66
C PHE D 340 36.58 -8.38 26.16
N LYS D 341 36.68 -8.21 27.48
CA LYS D 341 37.48 -7.11 28.10
C LYS D 341 38.88 -7.07 27.48
N GLN D 342 39.56 -8.23 27.38
CA GLN D 342 40.94 -8.36 26.83
C GLN D 342 40.91 -8.03 25.34
N LEU D 343 39.85 -8.46 24.63
CA LEU D 343 39.67 -8.19 23.18
C LEU D 343 39.51 -6.68 22.95
N VAL D 344 38.77 -5.98 23.81
CA VAL D 344 38.56 -4.50 23.67
C VAL D 344 39.93 -3.82 23.83
N GLU D 345 40.69 -4.16 24.87
CA GLU D 345 42.00 -3.54 25.15
C GLU D 345 42.96 -3.82 23.98
N ASP D 346 43.09 -5.08 23.55
CA ASP D 346 44.04 -5.48 22.46
C ASP D 346 43.67 -4.74 21.16
N LEU D 347 42.38 -4.65 20.84
CA LEU D 347 41.91 -4.02 19.57
C LEU D 347 42.10 -2.50 19.64
N ASP D 348 41.84 -1.89 20.80
CA ASP D 348 42.06 -0.43 21.04
C ASP D 348 43.51 -0.10 20.71
N ARG D 349 44.45 -0.89 21.24
CA ARG D 349 45.91 -0.73 21.05
C ARG D 349 46.22 -0.80 19.55
N ILE D 350 45.67 -1.78 18.84
CA ILE D 350 45.91 -1.95 17.38
C ILE D 350 45.32 -0.74 16.63
N LEU D 351 44.13 -0.30 17.02
CA LEU D 351 43.43 0.82 16.34
C LEU D 351 44.24 2.11 16.49
N THR D 352 44.78 2.40 17.67
CA THR D 352 45.55 3.66 17.94
C THR D 352 46.93 3.58 17.28
N LEU D 353 47.50 2.39 17.08
CA LEU D 353 48.85 2.15 16.46
C LEU D 353 48.75 2.27 14.93
N THR D 354 47.55 2.14 14.35
CA THR D 354 47.20 2.72 13.03
C THR D 354 46.77 4.17 13.26
N THR D 355 47.30 5.09 12.44
CA THR D 355 46.97 6.56 12.43
C THR D 355 47.22 7.16 13.82
#